data_5OTJ
#
_entry.id   5OTJ
#
_cell.length_a   52.760
_cell.length_b   178.671
_cell.length_c   66.070
_cell.angle_alpha   90.00
_cell.angle_beta   94.82
_cell.angle_gamma   90.00
#
_symmetry.space_group_name_H-M   'P 1 21 1'
#
loop_
_entity.id
_entity.type
_entity.pdbx_description
1 polymer '102.1F10 Fab light chain'
2 polymer '102.1F10 Fab heavy chain'
3 polymer 'Polcalcin Phl p 7'
4 non-polymer 1,2-ETHANEDIOL
5 non-polymer 'CALCIUM ION'
6 water water
#
loop_
_entity_poly.entity_id
_entity_poly.type
_entity_poly.pdbx_seq_one_letter_code
_entity_poly.pdbx_strand_id
1 'polypeptide(L)'
;(PCA)SALTQPPSVSGAPGQRVSISCTGGSSNFGAGYDVHWYQQLPATAPKLLIYGNNNRPSGVPDRFSGSKSGTSASLA
ITGLQAEDEGDYFCQSFDTSLSGWIFGGGTKLTVLGQPKAAPSVTLFPPSSEELQANKATLVCLISDFYPGAVTVAWKAD
SSPVKAGVETTTPSKQSNNKYAASSYLSLTPEQWKSHRSYSCQVTHEGSTVEKTVAPTECS
;
L,A
2 'polypeptide(L)'
;QVQLVQSGAEVRNPGASVKVSCKASGYTFTSYAIHWVRQAPGHRLEWVGRINTDNGNTKYSQKFHGRVALSRDTSASTTY
MDLSSLNSEDTAVYYCARAFYYSSGVMFDSWGQGALVTVSSASTKGPSVFPLAPSSKSTSGGTAALGCLVKDYFPEPVTV
SWNSGALTSGVHTFPAVLQSSGLYSLSSVVTVPSSSLGTQTYICNVNHKPSNTKVDKKVEPKSCHHHHHH
;
H,B
3 'polypeptide(L)'
;MADDMERIFKRFDTNGDGKISLSELTDALRTLGSTSADEVQRMMAEIDTDGDGFIDFNEFISFCNANPGLMKDVAKVFKG
ELNSKLEGKPIPNPLLGLDSTRTGHHHHHH
;
D,C
#
# COMPACT_ATOMS: atom_id res chain seq x y z
N SER A 2 9.36 -11.93 -4.92
CA SER A 2 10.53 -11.13 -4.57
C SER A 2 11.39 -10.80 -5.78
N ALA A 3 10.76 -10.78 -6.95
CA ALA A 3 11.42 -10.41 -8.19
C ALA A 3 10.49 -9.57 -9.03
N LEU A 4 11.07 -8.80 -9.95
CA LEU A 4 10.31 -7.95 -10.86
C LEU A 4 10.17 -8.63 -12.20
N THR A 5 8.93 -8.68 -12.70
CA THR A 5 8.61 -9.32 -13.98
C THR A 5 8.32 -8.25 -15.02
N GLN A 6 8.95 -8.37 -16.19
CA GLN A 6 8.75 -7.48 -17.31
C GLN A 6 8.43 -8.30 -18.56
N PRO A 7 7.72 -7.71 -19.52
CA PRO A 7 7.60 -8.33 -20.83
C PRO A 7 8.93 -8.33 -21.54
N PRO A 8 9.26 -9.40 -22.27
CA PRO A 8 10.59 -9.45 -22.90
C PRO A 8 10.81 -8.37 -23.96
N SER A 9 9.77 -7.98 -24.69
CA SER A 9 9.96 -7.03 -25.78
C SER A 9 8.68 -6.26 -26.06
N VAL A 10 8.84 -5.04 -26.56
CA VAL A 10 7.75 -4.20 -27.04
C VAL A 10 8.18 -3.58 -28.35
N SER A 11 7.20 -3.22 -29.18
CA SER A 11 7.49 -2.63 -30.48
C SER A 11 6.40 -1.63 -30.83
N GLY A 12 6.76 -0.68 -31.69
CA GLY A 12 5.84 0.33 -32.14
C GLY A 12 6.41 1.22 -33.22
N ALA A 13 5.54 1.78 -34.06
CA ALA A 13 5.98 2.64 -35.15
C ALA A 13 6.45 3.99 -34.61
N PRO A 14 7.33 4.67 -35.34
CA PRO A 14 7.76 6.01 -34.93
C PRO A 14 6.58 6.97 -34.83
N GLY A 15 6.46 7.62 -33.68
CA GLY A 15 5.37 8.53 -33.40
C GLY A 15 4.26 7.94 -32.55
N GLN A 16 4.20 6.61 -32.45
CA GLN A 16 3.18 5.94 -31.65
C GLN A 16 3.62 5.86 -30.20
N ARG A 17 2.83 5.17 -29.37
CA ARG A 17 3.10 5.05 -27.95
C ARG A 17 3.10 3.58 -27.53
N VAL A 18 4.00 3.24 -26.62
CA VAL A 18 4.08 1.89 -26.06
C VAL A 18 4.05 1.99 -24.55
N SER A 19 3.76 0.86 -23.91
CA SER A 19 3.75 0.77 -22.46
C SER A 19 4.56 -0.45 -22.05
N ILE A 20 5.29 -0.32 -20.94
CA ILE A 20 6.13 -1.38 -20.41
C ILE A 20 5.75 -1.58 -18.95
N SER A 21 5.21 -2.75 -18.63
CA SER A 21 4.78 -3.06 -17.27
C SER A 21 5.91 -3.71 -16.47
N CYS A 22 5.77 -3.62 -15.15
CA CYS A 22 6.75 -4.20 -14.22
C CYS A 22 6.00 -4.52 -12.94
N THR A 23 5.75 -5.82 -12.70
CA THR A 23 5.01 -6.25 -11.53
C THR A 23 5.99 -6.71 -10.44
N GLY A 24 5.68 -6.34 -9.20
CA GLY A 24 6.52 -6.71 -8.07
C GLY A 24 5.77 -7.52 -7.03
N GLY A 25 6.10 -7.33 -5.76
CA GLY A 25 5.46 -8.06 -4.69
C GLY A 25 5.36 -7.29 -3.39
N SER A 26 4.90 -7.95 -2.33
CA SER A 26 4.71 -7.27 -1.05
C SER A 26 6.03 -6.88 -0.41
N SER A 27 7.11 -7.59 -0.74
CA SER A 27 8.42 -7.31 -0.16
C SER A 27 9.19 -6.23 -0.90
N ASN A 28 8.66 -5.72 -2.01
CA ASN A 28 9.32 -4.64 -2.73
C ASN A 28 8.37 -3.46 -2.94
N PHE A 29 7.49 -3.54 -3.94
CA PHE A 29 6.55 -2.47 -4.16
C PHE A 29 5.58 -2.32 -2.99
N GLY A 30 5.10 -3.45 -2.45
CA GLY A 30 4.20 -3.42 -1.32
C GLY A 30 4.85 -3.00 0.00
N ALA A 31 6.18 -3.00 0.07
CA ALA A 31 6.89 -2.60 1.27
C ALA A 31 7.17 -1.10 1.31
N GLY A 32 6.63 -0.34 0.37
CA GLY A 32 6.83 1.09 0.36
C GLY A 32 8.08 1.56 -0.35
N TYR A 33 8.56 0.83 -1.34
CA TYR A 33 9.74 1.20 -2.11
C TYR A 33 9.32 1.70 -3.49
N ASP A 34 9.87 2.83 -3.90
CA ASP A 34 9.59 3.36 -5.22
C ASP A 34 10.30 2.55 -6.31
N VAL A 35 9.82 2.69 -7.53
CA VAL A 35 10.39 2.02 -8.69
C VAL A 35 11.23 3.02 -9.48
N HIS A 36 12.37 2.55 -9.98
CA HIS A 36 13.21 3.33 -10.88
C HIS A 36 13.27 2.63 -12.24
N TRP A 37 13.45 3.42 -13.28
CA TRP A 37 13.59 2.90 -14.63
C TRP A 37 14.92 3.33 -15.22
N TYR A 38 15.57 2.41 -15.92
CA TYR A 38 16.87 2.66 -16.54
C TYR A 38 16.80 2.32 -18.01
N GLN A 39 17.43 3.15 -18.82
CA GLN A 39 17.45 2.98 -20.28
C GLN A 39 18.86 2.60 -20.70
N GLN A 40 18.99 1.45 -21.36
CA GLN A 40 20.28 0.95 -21.84
C GLN A 40 20.22 0.92 -23.37
N LEU A 41 20.71 1.98 -23.99
CA LEU A 41 20.82 2.02 -25.43
C LEU A 41 21.88 1.02 -25.90
N PRO A 42 21.81 0.57 -27.15
CA PRO A 42 22.81 -0.38 -27.64
C PRO A 42 24.22 0.17 -27.52
N ALA A 43 25.10 -0.64 -26.91
CA ALA A 43 26.53 -0.38 -26.77
C ALA A 43 26.84 0.78 -25.82
N THR A 44 26.04 0.94 -24.77
CA THR A 44 26.33 1.90 -23.72
C THR A 44 25.92 1.30 -22.38
N ALA A 45 26.30 1.99 -21.31
CA ALA A 45 25.95 1.64 -19.95
C ALA A 45 24.54 2.10 -19.63
N PRO A 46 23.89 1.49 -18.64
CA PRO A 46 22.55 1.94 -18.25
C PRO A 46 22.55 3.41 -17.86
N LYS A 47 21.42 4.06 -18.12
CA LYS A 47 21.23 5.47 -17.82
C LYS A 47 19.93 5.64 -17.04
N LEU A 48 19.99 6.45 -15.98
CA LEU A 48 18.81 6.72 -15.18
C LEU A 48 17.77 7.47 -16.02
N LEU A 49 16.60 6.86 -16.19
CA LEU A 49 15.50 7.44 -16.95
C LEU A 49 14.40 7.98 -16.07
N ILE A 50 13.93 7.17 -15.11
CA ILE A 50 12.89 7.56 -14.17
C ILE A 50 13.32 7.14 -12.78
N TYR A 51 13.22 8.06 -11.82
CA TYR A 51 13.47 7.74 -10.42
C TYR A 51 12.24 8.13 -9.61
N GLY A 52 11.95 7.33 -8.57
CA GLY A 52 10.81 7.59 -7.74
C GLY A 52 9.49 7.61 -8.49
N ASN A 53 9.18 6.49 -9.15
CA ASN A 53 7.92 6.27 -9.85
C ASN A 53 7.75 7.14 -11.10
N ASN A 54 7.88 8.46 -10.95
CA ASN A 54 7.66 9.34 -12.09
C ASN A 54 8.39 10.67 -11.96
N ASN A 55 9.66 10.64 -11.58
CA ASN A 55 10.51 11.83 -11.62
C ASN A 55 11.58 11.65 -12.68
N ARG A 56 11.80 12.69 -13.48
CA ARG A 56 12.76 12.65 -14.57
C ARG A 56 13.98 13.50 -14.24
N PRO A 57 15.18 12.98 -14.41
CA PRO A 57 16.38 13.82 -14.26
C PRO A 57 16.49 14.82 -15.41
N SER A 58 17.40 15.78 -15.23
CA SER A 58 17.60 16.81 -16.23
C SER A 58 18.13 16.20 -17.52
N GLY A 59 17.34 16.28 -18.57
CA GLY A 59 17.71 15.72 -19.88
C GLY A 59 16.73 14.70 -20.41
N VAL A 60 15.77 14.25 -19.63
CA VAL A 60 14.77 13.27 -20.07
C VAL A 60 13.46 14.03 -20.35
N PRO A 61 12.95 13.96 -21.58
CA PRO A 61 11.70 14.69 -21.88
C PRO A 61 10.49 14.00 -21.28
N ASP A 62 9.37 14.73 -21.27
CA ASP A 62 8.12 14.23 -20.70
C ASP A 62 7.46 13.15 -21.55
N ARG A 63 8.07 12.74 -22.68
CA ARG A 63 7.55 11.60 -23.42
C ARG A 63 7.61 10.33 -22.58
N PHE A 64 8.60 10.21 -21.70
CA PHE A 64 8.69 9.09 -20.78
C PHE A 64 7.95 9.46 -19.49
N SER A 65 6.98 8.63 -19.11
CA SER A 65 6.21 8.85 -17.89
C SER A 65 5.97 7.52 -17.21
N GLY A 66 6.01 7.52 -15.88
CA GLY A 66 5.82 6.31 -15.12
C GLY A 66 4.65 6.36 -14.17
N SER A 67 4.16 5.20 -13.76
CA SER A 67 3.11 5.09 -12.76
C SER A 67 3.41 3.90 -11.85
N LYS A 68 2.87 3.93 -10.65
CA LYS A 68 3.13 2.86 -9.70
C LYS A 68 1.92 2.63 -8.80
N SER A 69 1.51 1.37 -8.70
CA SER A 69 0.60 0.92 -7.67
C SER A 69 1.41 0.18 -6.60
N GLY A 70 0.72 -0.28 -5.55
CA GLY A 70 1.39 -1.05 -4.52
C GLY A 70 1.94 -2.37 -5.01
N THR A 71 1.55 -2.81 -6.21
CA THR A 71 2.01 -4.09 -6.73
C THR A 71 2.43 -4.05 -8.20
N SER A 72 2.16 -2.99 -8.94
CA SER A 72 2.48 -2.92 -10.35
C SER A 72 3.05 -1.55 -10.68
N ALA A 73 3.89 -1.52 -11.72
CA ALA A 73 4.44 -0.28 -12.24
C ALA A 73 4.42 -0.34 -13.76
N SER A 74 4.37 0.83 -14.39
CA SER A 74 4.32 0.91 -15.84
C SER A 74 5.14 2.09 -16.31
N LEU A 75 5.75 1.93 -17.49
CA LEU A 75 6.55 2.97 -18.13
C LEU A 75 5.93 3.28 -19.48
N ALA A 76 5.48 4.52 -19.65
CA ALA A 76 4.85 4.95 -20.89
C ALA A 76 5.84 5.77 -21.71
N ILE A 77 5.88 5.50 -23.01
CA ILE A 77 6.74 6.22 -23.94
C ILE A 77 5.86 6.67 -25.10
N THR A 78 5.65 7.97 -25.22
CA THR A 78 4.84 8.53 -26.29
C THR A 78 5.74 9.19 -27.34
N GLY A 79 5.24 9.23 -28.58
CA GLY A 79 6.01 9.79 -29.67
C GLY A 79 7.31 9.06 -29.90
N LEU A 80 7.23 7.78 -30.24
CA LEU A 80 8.42 6.95 -30.37
C LEU A 80 9.37 7.53 -31.40
N GLN A 81 10.66 7.53 -31.07
CA GLN A 81 11.72 7.96 -31.96
C GLN A 81 12.74 6.83 -32.10
N ALA A 82 13.47 6.85 -33.22
CA ALA A 82 14.43 5.79 -33.49
C ALA A 82 15.53 5.74 -32.43
N GLU A 83 15.80 6.87 -31.77
CA GLU A 83 16.83 6.92 -30.74
C GLU A 83 16.40 6.28 -29.43
N ASP A 84 15.13 5.90 -29.28
CA ASP A 84 14.64 5.26 -28.07
C ASP A 84 14.85 3.75 -28.06
N GLU A 85 15.36 3.18 -29.15
CA GLU A 85 15.54 1.74 -29.24
C GLU A 85 16.59 1.27 -28.25
N GLY A 86 16.27 0.21 -27.51
CA GLY A 86 17.18 -0.32 -26.52
C GLY A 86 16.45 -1.17 -25.50
N ASP A 87 17.07 -1.34 -24.34
CA ASP A 87 16.53 -2.14 -23.25
C ASP A 87 16.15 -1.24 -22.08
N TYR A 88 15.08 -1.60 -21.39
CA TYR A 88 14.55 -0.82 -20.28
C TYR A 88 14.35 -1.74 -19.08
N PHE A 89 14.94 -1.36 -17.94
CA PHE A 89 14.90 -2.14 -16.72
C PHE A 89 14.22 -1.34 -15.62
N CYS A 90 13.32 -2.00 -14.88
CA CYS A 90 12.81 -1.44 -13.65
C CYS A 90 13.65 -1.93 -12.47
N GLN A 91 13.55 -1.21 -11.36
CA GLN A 91 14.39 -1.49 -10.21
C GLN A 91 13.64 -1.12 -8.92
N SER A 92 13.83 -1.94 -7.90
CA SER A 92 13.28 -1.66 -6.58
C SER A 92 14.12 -2.40 -5.56
N PHE A 93 13.81 -2.18 -4.28
CA PHE A 93 14.50 -2.83 -3.18
C PHE A 93 13.56 -3.88 -2.57
N ASP A 94 14.06 -5.10 -2.40
CA ASP A 94 13.31 -6.17 -1.77
C ASP A 94 13.80 -6.37 -0.33
N THR A 95 12.88 -6.26 0.62
CA THR A 95 13.22 -6.32 2.04
C THR A 95 13.42 -7.74 2.56
N SER A 96 12.80 -8.75 1.93
CA SER A 96 13.04 -10.12 2.33
C SER A 96 14.45 -10.57 1.96
N LEU A 97 14.91 -10.22 0.76
CA LEU A 97 16.26 -10.54 0.34
C LEU A 97 17.28 -9.53 0.85
N SER A 98 16.82 -8.34 1.27
CA SER A 98 17.69 -7.26 1.71
C SER A 98 18.72 -6.90 0.64
N GLY A 99 18.21 -6.60 -0.55
CA GLY A 99 19.07 -6.21 -1.66
C GLY A 99 18.24 -5.60 -2.78
N TRP A 100 18.96 -5.05 -3.76
CA TRP A 100 18.34 -4.45 -4.93
C TRP A 100 18.05 -5.50 -5.99
N ILE A 101 16.88 -5.39 -6.62
CA ILE A 101 16.45 -6.30 -7.66
C ILE A 101 16.10 -5.50 -8.91
N PHE A 102 16.38 -6.09 -10.07
CA PHE A 102 16.03 -5.51 -11.35
C PHE A 102 15.07 -6.43 -12.09
N GLY A 103 14.23 -5.83 -12.93
CA GLY A 103 13.41 -6.60 -13.83
C GLY A 103 14.24 -7.23 -14.92
N GLY A 104 13.63 -8.19 -15.63
CA GLY A 104 14.34 -8.91 -16.67
C GLY A 104 14.73 -8.06 -17.85
N GLY A 105 14.15 -6.86 -17.96
CA GLY A 105 14.45 -5.97 -19.07
C GLY A 105 13.51 -6.18 -20.24
N THR A 106 13.18 -5.09 -20.94
CA THR A 106 12.29 -5.14 -22.09
C THR A 106 13.00 -4.51 -23.28
N LYS A 107 13.13 -5.26 -24.37
CA LYS A 107 13.74 -4.73 -25.59
C LYS A 107 12.69 -3.97 -26.38
N LEU A 108 12.85 -2.66 -26.48
CA LEU A 108 11.96 -1.81 -27.25
C LEU A 108 12.52 -1.66 -28.67
N THR A 109 11.71 -2.02 -29.66
CA THR A 109 12.07 -1.87 -31.06
C THR A 109 11.20 -0.80 -31.70
N VAL A 110 11.83 0.17 -32.34
CA VAL A 110 11.12 1.17 -33.14
C VAL A 110 11.10 0.67 -34.58
N LEU A 111 9.91 0.32 -35.07
CA LEU A 111 9.79 -0.34 -36.36
C LEU A 111 10.29 0.54 -37.49
N GLY A 112 11.18 -0.02 -38.31
CA GLY A 112 11.67 0.66 -39.48
C GLY A 112 11.43 -0.15 -40.74
N GLN A 113 10.74 -1.26 -40.58
CA GLN A 113 10.40 -2.16 -41.68
C GLN A 113 9.24 -3.03 -41.22
N PRO A 114 8.51 -3.65 -42.16
CA PRO A 114 7.37 -4.49 -41.77
C PRO A 114 7.81 -5.65 -40.89
N LYS A 115 6.86 -6.14 -40.10
CA LYS A 115 7.12 -7.31 -39.27
C LYS A 115 7.33 -8.55 -40.13
N ALA A 116 8.09 -9.50 -39.60
CA ALA A 116 8.39 -10.74 -40.29
C ALA A 116 8.30 -11.88 -39.31
N ALA A 117 7.42 -12.85 -39.57
CA ALA A 117 7.29 -13.98 -38.67
C ALA A 117 8.49 -14.91 -38.80
N PRO A 118 8.88 -15.58 -37.72
CA PRO A 118 10.05 -16.46 -37.78
C PRO A 118 9.73 -17.81 -38.39
N SER A 119 10.70 -18.34 -39.14
CA SER A 119 10.66 -19.73 -39.60
C SER A 119 11.42 -20.60 -38.61
N VAL A 120 10.82 -21.72 -38.23
CA VAL A 120 11.36 -22.60 -37.19
C VAL A 120 11.55 -24.00 -37.77
N THR A 121 12.77 -24.52 -37.62
CA THR A 121 13.07 -25.90 -37.95
C THR A 121 13.63 -26.57 -36.69
N LEU A 122 13.06 -27.71 -36.33
CA LEU A 122 13.46 -28.45 -35.14
C LEU A 122 14.11 -29.75 -35.57
N PHE A 123 15.35 -29.97 -35.12
CA PHE A 123 16.08 -31.18 -35.43
C PHE A 123 16.18 -32.06 -34.20
N PRO A 124 15.85 -33.35 -34.30
CA PRO A 124 16.00 -34.25 -33.17
C PRO A 124 17.45 -34.67 -33.00
N PRO A 125 17.80 -35.31 -31.88
CA PRO A 125 19.18 -35.80 -31.73
C PRO A 125 19.51 -36.83 -32.80
N SER A 126 20.70 -36.70 -33.36
CA SER A 126 21.15 -37.64 -34.37
CA SER A 126 21.16 -37.64 -34.37
C SER A 126 21.35 -39.03 -33.76
N SER A 127 21.24 -40.04 -34.61
CA SER A 127 21.49 -41.41 -34.16
C SER A 127 22.96 -41.61 -33.78
N GLU A 128 23.86 -40.79 -34.31
CA GLU A 128 25.27 -40.88 -33.95
C GLU A 128 25.56 -40.18 -32.62
N GLU A 129 24.78 -39.16 -32.26
CA GLU A 129 24.98 -38.50 -30.98
C GLU A 129 24.49 -39.38 -29.83
N LEU A 130 23.39 -40.11 -30.04
CA LEU A 130 22.89 -41.01 -29.01
C LEU A 130 23.87 -42.13 -28.72
N GLN A 131 24.62 -42.58 -29.72
CA GLN A 131 25.64 -43.60 -29.48
C GLN A 131 26.80 -43.05 -28.67
N ALA A 132 27.06 -41.74 -28.74
CA ALA A 132 28.04 -41.08 -27.90
C ALA A 132 27.49 -40.67 -26.55
N ASN A 133 26.33 -41.23 -26.16
CA ASN A 133 25.70 -40.98 -24.87
C ASN A 133 25.35 -39.51 -24.66
N LYS A 134 25.00 -38.81 -25.74
CA LYS A 134 24.61 -37.41 -25.69
C LYS A 134 23.35 -37.21 -26.52
N ALA A 135 22.70 -36.07 -26.30
CA ALA A 135 21.45 -35.76 -27.00
C ALA A 135 21.22 -34.26 -26.99
N THR A 136 21.26 -33.64 -28.16
CA THR A 136 21.06 -32.20 -28.30
C THR A 136 19.97 -31.95 -29.34
N LEU A 137 18.97 -31.16 -28.96
CA LEU A 137 17.92 -30.73 -29.86
C LEU A 137 18.24 -29.34 -30.38
N VAL A 138 18.03 -29.13 -31.67
CA VAL A 138 18.43 -27.89 -32.35
C VAL A 138 17.17 -27.24 -32.91
N CYS A 139 16.83 -26.07 -32.35
CA CYS A 139 15.70 -25.28 -32.80
C CYS A 139 16.24 -24.03 -33.49
N LEU A 140 16.08 -23.95 -34.81
CA LEU A 140 16.68 -22.89 -35.61
C LEU A 140 15.61 -21.89 -36.02
N ILE A 141 15.87 -20.61 -35.75
CA ILE A 141 14.93 -19.53 -35.98
C ILE A 141 15.57 -18.54 -36.94
N SER A 142 14.90 -18.26 -38.05
CA SER A 142 15.48 -17.45 -39.11
C SER A 142 14.45 -16.47 -39.67
N ASP A 143 14.96 -15.33 -40.15
CA ASP A 143 14.22 -14.35 -40.94
C ASP A 143 12.99 -13.83 -40.18
N PHE A 144 13.28 -13.04 -39.14
CA PHE A 144 12.22 -12.43 -38.36
C PHE A 144 12.62 -11.02 -37.97
N TYR A 145 11.62 -10.15 -37.89
CA TYR A 145 11.78 -8.78 -37.42
C TYR A 145 10.52 -8.37 -36.68
N PRO A 146 10.66 -7.69 -35.54
CA PRO A 146 11.91 -7.27 -34.89
C PRO A 146 12.74 -8.41 -34.30
N GLY A 147 14.00 -8.15 -34.02
CA GLY A 147 14.91 -9.16 -33.51
C GLY A 147 14.76 -9.45 -32.04
N ALA A 148 13.61 -10.01 -31.67
CA ALA A 148 13.36 -10.41 -30.28
C ALA A 148 12.39 -11.58 -30.28
N VAL A 149 12.84 -12.73 -29.79
CA VAL A 149 12.02 -13.93 -29.73
C VAL A 149 12.17 -14.56 -28.35
N THR A 150 11.12 -15.26 -27.93
CA THR A 150 11.13 -16.05 -26.70
C THR A 150 10.98 -17.51 -27.07
N VAL A 151 11.92 -18.34 -26.61
CA VAL A 151 11.93 -19.76 -26.89
C VAL A 151 11.58 -20.50 -25.62
N ALA A 152 10.64 -21.44 -25.70
CA ALA A 152 10.22 -22.24 -24.58
C ALA A 152 10.24 -23.70 -24.98
N TRP A 153 11.09 -24.49 -24.34
CA TRP A 153 11.16 -25.92 -24.58
C TRP A 153 10.19 -26.64 -23.66
N LYS A 154 9.67 -27.77 -24.14
CA LYS A 154 8.74 -28.58 -23.36
C LYS A 154 8.99 -30.07 -23.63
N ALA A 155 9.08 -30.83 -22.55
CA ALA A 155 9.05 -32.30 -22.62
C ALA A 155 7.62 -32.75 -22.42
N ASP A 156 7.06 -33.45 -23.40
CA ASP A 156 5.62 -33.74 -23.48
C ASP A 156 4.90 -32.39 -23.46
N SER A 157 4.09 -32.07 -22.45
CA SER A 157 3.43 -30.78 -22.33
C SER A 157 3.94 -29.97 -21.14
N SER A 158 5.06 -30.38 -20.54
CA SER A 158 5.63 -29.77 -19.35
C SER A 158 6.90 -29.01 -19.69
N PRO A 159 7.09 -27.83 -19.11
CA PRO A 159 8.24 -26.99 -19.49
C PRO A 159 9.56 -27.60 -19.05
N VAL A 160 10.61 -27.23 -19.78
CA VAL A 160 11.98 -27.61 -19.49
C VAL A 160 12.84 -26.37 -19.49
N LYS A 161 13.59 -26.15 -18.41
CA LYS A 161 14.50 -25.02 -18.30
C LYS A 161 15.95 -25.41 -18.11
N ALA A 162 16.24 -26.65 -17.70
CA ALA A 162 17.61 -27.10 -17.49
C ALA A 162 18.21 -27.62 -18.80
N GLY A 163 19.42 -27.17 -19.11
CA GLY A 163 20.09 -27.60 -20.33
C GLY A 163 19.70 -26.82 -21.57
N VAL A 164 19.21 -25.61 -21.42
CA VAL A 164 18.78 -24.77 -22.54
C VAL A 164 19.82 -23.67 -22.73
N GLU A 165 20.27 -23.50 -23.98
CA GLU A 165 21.13 -22.39 -24.36
C GLU A 165 20.53 -21.73 -25.60
N THR A 166 20.09 -20.49 -25.47
CA THR A 166 19.46 -19.76 -26.55
C THR A 166 20.35 -18.60 -26.96
N THR A 167 20.56 -18.44 -28.27
CA THR A 167 21.34 -17.33 -28.77
C THR A 167 20.55 -16.03 -28.66
N THR A 168 21.28 -14.92 -28.60
CA THR A 168 20.62 -13.63 -28.77
C THR A 168 20.42 -13.37 -30.25
N PRO A 169 19.31 -12.75 -30.65
CA PRO A 169 19.05 -12.52 -32.07
C PRO A 169 20.18 -11.74 -32.73
N SER A 170 20.63 -12.24 -33.88
CA SER A 170 21.71 -11.62 -34.63
C SER A 170 21.19 -11.17 -35.99
N LYS A 171 21.60 -9.97 -36.40
CA LYS A 171 21.13 -9.39 -37.66
C LYS A 171 21.93 -9.96 -38.83
N GLN A 172 21.21 -10.44 -39.85
CA GLN A 172 21.84 -11.02 -41.02
C GLN A 172 21.86 -9.99 -42.16
N SER A 173 22.05 -10.46 -43.39
CA SER A 173 22.31 -9.57 -44.51
C SER A 173 21.09 -8.71 -44.86
N ASN A 174 19.91 -9.32 -44.86
CA ASN A 174 18.68 -8.64 -45.29
C ASN A 174 18.03 -7.80 -44.20
N ASN A 175 18.78 -7.44 -43.15
CA ASN A 175 18.31 -6.68 -41.99
C ASN A 175 17.26 -7.40 -41.16
N LYS A 176 17.02 -8.68 -41.43
CA LYS A 176 16.23 -9.52 -40.56
C LYS A 176 17.16 -10.24 -39.58
N TYR A 177 16.59 -11.04 -38.68
CA TYR A 177 17.36 -11.65 -37.61
C TYR A 177 17.26 -13.16 -37.65
N ALA A 178 18.26 -13.81 -37.06
CA ALA A 178 18.30 -15.26 -36.94
C ALA A 178 18.78 -15.63 -35.55
N ALA A 179 18.24 -16.73 -35.02
CA ALA A 179 18.62 -17.20 -33.70
C ALA A 179 18.50 -18.72 -33.67
N SER A 180 19.00 -19.32 -32.59
CA SER A 180 18.94 -20.76 -32.43
C SER A 180 18.89 -21.10 -30.95
N SER A 181 18.25 -22.22 -30.63
CA SER A 181 18.13 -22.70 -29.28
C SER A 181 18.57 -24.16 -29.24
N TYR A 182 19.28 -24.54 -28.16
CA TYR A 182 19.80 -25.89 -27.99
C TYR A 182 19.33 -26.44 -26.65
N LEU A 183 18.70 -27.62 -26.70
CA LEU A 183 18.27 -28.32 -25.49
C LEU A 183 19.12 -29.58 -25.37
N SER A 184 20.03 -29.59 -24.39
CA SER A 184 20.89 -30.74 -24.14
C SER A 184 20.20 -31.70 -23.18
N LEU A 185 20.15 -32.98 -23.56
CA LEU A 185 19.49 -33.99 -22.75
C LEU A 185 20.37 -35.22 -22.64
N THR A 186 20.04 -36.08 -21.69
CA THR A 186 20.63 -37.41 -21.73
C THR A 186 19.79 -38.31 -22.63
N PRO A 187 20.40 -39.35 -23.21
CA PRO A 187 19.60 -40.26 -24.04
C PRO A 187 18.39 -40.84 -23.31
N GLU A 188 18.52 -41.11 -22.01
CA GLU A 188 17.40 -41.68 -21.27
C GLU A 188 16.25 -40.69 -21.14
N GLN A 189 16.56 -39.41 -20.91
CA GLN A 189 15.53 -38.39 -20.89
C GLN A 189 14.85 -38.25 -22.25
N TRP A 190 15.65 -38.27 -23.33
CA TRP A 190 15.09 -38.15 -24.67
C TRP A 190 14.16 -39.30 -25.01
N LYS A 191 14.44 -40.50 -24.48
CA LYS A 191 13.64 -41.67 -24.81
C LYS A 191 12.47 -41.89 -23.86
N SER A 192 12.50 -41.27 -22.68
CA SER A 192 11.45 -41.49 -21.68
C SER A 192 10.21 -40.62 -21.92
N HIS A 193 10.29 -39.62 -22.78
CA HIS A 193 9.16 -38.75 -23.09
C HIS A 193 8.61 -39.07 -24.47
N ARG A 194 7.30 -38.87 -24.62
CA ARG A 194 6.65 -39.18 -25.90
C ARG A 194 7.03 -38.18 -26.98
N SER A 195 7.32 -36.93 -26.61
CA SER A 195 7.67 -35.92 -27.60
C SER A 195 8.35 -34.76 -26.89
N TYR A 196 9.10 -33.98 -27.69
CA TYR A 196 9.69 -32.72 -27.27
C TYR A 196 9.26 -31.64 -28.25
N SER A 197 9.06 -30.43 -27.73
CA SER A 197 8.57 -29.33 -28.54
CA SER A 197 8.57 -29.33 -28.53
C SER A 197 9.39 -28.07 -28.28
N CYS A 198 9.54 -27.26 -29.33
CA CYS A 198 10.21 -25.96 -29.27
C CYS A 198 9.19 -24.90 -29.65
N GLN A 199 8.87 -24.01 -28.71
CA GLN A 199 7.87 -22.97 -28.92
C GLN A 199 8.57 -21.61 -29.04
N VAL A 200 8.35 -20.94 -30.17
CA VAL A 200 8.95 -19.64 -30.44
C VAL A 200 7.85 -18.60 -30.46
N THR A 201 7.99 -17.57 -29.62
CA THR A 201 7.00 -16.50 -29.50
C THR A 201 7.57 -15.22 -30.10
N HIS A 202 6.81 -14.59 -30.99
CA HIS A 202 7.28 -13.40 -31.69
C HIS A 202 6.07 -12.51 -31.98
N GLU A 203 6.04 -11.33 -31.37
CA GLU A 203 4.99 -10.33 -31.60
C GLU A 203 3.61 -10.91 -31.34
N GLY A 204 3.48 -11.61 -30.21
CA GLY A 204 2.22 -12.19 -29.81
C GLY A 204 1.82 -13.46 -30.55
N SER A 205 2.57 -13.89 -31.55
CA SER A 205 2.30 -15.11 -32.27
C SER A 205 3.23 -16.22 -31.80
N THR A 206 2.81 -17.46 -32.03
CA THR A 206 3.51 -18.63 -31.49
C THR A 206 3.61 -19.72 -32.55
N VAL A 207 4.82 -20.25 -32.72
CA VAL A 207 5.08 -21.39 -33.57
C VAL A 207 5.63 -22.51 -32.70
N GLU A 208 5.05 -23.70 -32.81
CA GLU A 208 5.46 -24.84 -31.99
C GLU A 208 5.77 -26.02 -32.91
N LYS A 209 7.04 -26.45 -32.91
CA LYS A 209 7.48 -27.63 -33.62
C LYS A 209 7.76 -28.74 -32.62
N THR A 210 7.40 -29.97 -33.00
CA THR A 210 7.48 -31.12 -32.10
C THR A 210 8.17 -32.28 -32.79
N VAL A 211 9.09 -32.93 -32.07
CA VAL A 211 9.75 -34.14 -32.54
C VAL A 211 9.49 -35.27 -31.55
N ALA A 212 9.46 -36.49 -32.06
CA ALA A 212 9.22 -37.67 -31.25
C ALA A 212 10.31 -38.70 -31.47
N PRO A 213 10.66 -39.48 -30.44
CA PRO A 213 11.69 -40.51 -30.60
C PRO A 213 11.21 -41.71 -31.41
N THR A 214 10.85 -41.47 -32.67
CA THR A 214 10.40 -42.55 -33.54
C THR A 214 10.62 -42.18 -35.01
N GLN B 1 28.09 15.98 -14.87
CA GLN B 1 29.49 16.19 -14.51
C GLN B 1 29.99 15.12 -13.55
N VAL B 2 29.07 14.32 -13.01
CA VAL B 2 29.44 13.13 -12.25
C VAL B 2 29.84 12.04 -13.23
N GLN B 3 31.02 11.46 -13.03
CA GLN B 3 31.56 10.49 -13.96
C GLN B 3 32.26 9.35 -13.22
N LEU B 4 32.01 8.13 -13.68
CA LEU B 4 32.67 6.93 -13.16
C LEU B 4 33.37 6.25 -14.32
N VAL B 5 34.69 6.14 -14.23
CA VAL B 5 35.50 5.52 -15.27
C VAL B 5 36.05 4.22 -14.72
N GLN B 6 35.79 3.11 -15.43
CA GLN B 6 36.19 1.79 -15.01
C GLN B 6 37.37 1.30 -15.83
N SER B 7 38.05 0.27 -15.30
CA SER B 7 39.19 -0.32 -15.99
C SER B 7 38.73 -1.09 -17.23
N GLY B 8 39.71 -1.52 -18.01
CA GLY B 8 39.44 -2.17 -19.28
C GLY B 8 38.96 -3.61 -19.09
N ALA B 9 38.88 -4.31 -20.22
CA ALA B 9 38.40 -5.69 -20.22
C ALA B 9 39.47 -6.63 -19.66
N GLU B 10 39.00 -7.75 -19.11
CA GLU B 10 39.86 -8.75 -18.49
C GLU B 10 39.45 -10.14 -18.96
N VAL B 11 40.44 -11.02 -19.09
CA VAL B 11 40.22 -12.42 -19.44
C VAL B 11 40.87 -13.27 -18.37
N ARG B 12 40.12 -14.25 -17.86
CA ARG B 12 40.59 -15.12 -16.80
C ARG B 12 40.22 -16.56 -17.11
N ASN B 13 40.82 -17.48 -16.37
CA ASN B 13 40.57 -18.90 -16.45
C ASN B 13 39.70 -19.36 -15.29
N PRO B 14 38.99 -20.48 -15.43
CA PRO B 14 38.16 -20.99 -14.32
C PRO B 14 38.98 -21.26 -13.06
N GLY B 15 38.72 -20.50 -12.01
CA GLY B 15 39.42 -20.63 -10.75
C GLY B 15 40.26 -19.43 -10.39
N ALA B 16 40.61 -18.59 -11.35
CA ALA B 16 41.44 -17.42 -11.09
C ALA B 16 40.58 -16.32 -10.47
N SER B 17 41.15 -15.12 -10.33
CA SER B 17 40.46 -13.98 -9.77
C SER B 17 40.68 -12.77 -10.67
N VAL B 18 39.90 -11.73 -10.43
CA VAL B 18 39.96 -10.51 -11.24
C VAL B 18 39.66 -9.32 -10.33
N LYS B 19 40.26 -8.17 -10.66
CA LYS B 19 40.03 -6.93 -9.94
C LYS B 19 39.63 -5.85 -10.94
N VAL B 20 38.51 -5.19 -10.67
CA VAL B 20 38.00 -4.12 -11.52
C VAL B 20 37.94 -2.84 -10.70
N SER B 21 38.46 -1.76 -11.26
CA SER B 21 38.48 -0.46 -10.59
C SER B 21 37.39 0.44 -11.12
N CYS B 22 37.08 1.49 -10.35
CA CYS B 22 36.02 2.43 -10.71
C CYS B 22 36.40 3.79 -10.11
N LYS B 23 37.01 4.64 -10.93
CA LYS B 23 37.42 5.96 -10.47
C LYS B 23 36.26 6.94 -10.57
N ALA B 24 36.05 7.71 -9.51
CA ALA B 24 34.97 8.67 -9.44
C ALA B 24 35.53 10.10 -9.50
N SER B 25 34.74 11.00 -10.08
CA SER B 25 35.14 12.39 -10.20
C SER B 25 33.90 13.24 -10.41
N GLY B 26 34.04 14.53 -10.13
CA GLY B 26 32.96 15.47 -10.31
C GLY B 26 32.03 15.63 -9.14
N TYR B 27 32.36 15.07 -7.98
CA TYR B 27 31.53 15.18 -6.78
C TYR B 27 32.38 14.80 -5.57
N THR B 28 31.77 14.88 -4.39
CA THR B 28 32.44 14.50 -3.14
C THR B 28 32.40 12.99 -3.00
N PHE B 29 33.55 12.35 -3.17
CA PHE B 29 33.61 10.89 -3.25
C PHE B 29 33.10 10.23 -1.97
N THR B 30 33.43 10.79 -0.81
CA THR B 30 33.13 10.18 0.47
C THR B 30 31.73 10.49 0.99
N SER B 31 30.88 11.13 0.17
CA SER B 31 29.52 11.46 0.59
C SER B 31 28.46 10.60 -0.08
N TYR B 32 28.86 9.68 -0.96
CA TYR B 32 27.90 8.86 -1.70
C TYR B 32 28.43 7.44 -1.79
N ALA B 33 27.53 6.47 -1.61
CA ALA B 33 27.91 5.07 -1.69
C ALA B 33 27.98 4.61 -3.13
N ILE B 34 28.85 3.62 -3.38
CA ILE B 34 29.04 3.05 -4.71
C ILE B 34 28.50 1.63 -4.72
N HIS B 35 27.64 1.34 -5.68
CA HIS B 35 27.10 0.00 -5.88
C HIS B 35 27.72 -0.64 -7.11
N TRP B 36 27.82 -1.97 -7.09
CA TRP B 36 28.34 -2.74 -8.21
C TRP B 36 27.24 -3.63 -8.75
N VAL B 37 27.05 -3.62 -10.06
CA VAL B 37 26.01 -4.39 -10.73
C VAL B 37 26.65 -5.07 -11.93
N ARG B 38 26.33 -6.36 -12.12
CA ARG B 38 26.84 -7.11 -13.25
C ARG B 38 25.69 -7.50 -14.17
N GLN B 39 26.03 -7.67 -15.45
CA GLN B 39 25.06 -8.01 -16.49
C GLN B 39 25.66 -9.14 -17.33
N ALA B 40 25.18 -10.36 -17.10
CA ALA B 40 25.60 -11.49 -17.92
C ALA B 40 25.00 -11.36 -19.32
N PRO B 41 25.66 -11.91 -20.33
CA PRO B 41 25.07 -11.92 -21.67
C PRO B 41 23.74 -12.64 -21.69
N GLY B 42 22.71 -11.95 -22.19
CA GLY B 42 21.38 -12.53 -22.20
C GLY B 42 20.80 -12.77 -20.82
N HIS B 43 21.13 -11.89 -19.87
CA HIS B 43 20.60 -11.98 -18.52
C HIS B 43 20.26 -10.58 -18.04
N ARG B 44 19.52 -10.51 -16.92
CA ARG B 44 19.14 -9.23 -16.37
C ARG B 44 20.28 -8.66 -15.52
N LEU B 45 20.14 -7.40 -15.14
CA LEU B 45 21.10 -6.78 -14.23
C LEU B 45 21.06 -7.50 -12.89
N GLU B 46 22.25 -7.72 -12.31
CA GLU B 46 22.38 -8.46 -11.07
C GLU B 46 23.18 -7.61 -10.09
N TRP B 47 22.56 -7.28 -8.95
CA TRP B 47 23.22 -6.47 -7.94
C TRP B 47 24.32 -7.29 -7.27
N VAL B 48 25.52 -6.70 -7.18
CA VAL B 48 26.66 -7.40 -6.60
C VAL B 48 26.85 -6.97 -5.14
N GLY B 49 27.04 -5.68 -4.90
CA GLY B 49 27.23 -5.22 -3.54
C GLY B 49 27.29 -3.72 -3.44
N ARG B 50 27.34 -3.25 -2.21
CA ARG B 50 27.40 -1.84 -1.87
C ARG B 50 28.58 -1.60 -0.93
N ILE B 51 29.28 -0.48 -1.12
CA ILE B 51 30.36 -0.09 -0.22
C ILE B 51 30.20 1.38 0.12
N ASN B 52 30.22 1.69 1.42
CA ASN B 52 30.32 3.06 1.87
C ASN B 52 31.71 3.59 1.54
N THR B 53 31.78 4.67 0.76
CA THR B 53 33.08 5.20 0.36
C THR B 53 33.83 5.81 1.53
N ASP B 54 33.13 6.19 2.60
CA ASP B 54 33.75 6.87 3.73
C ASP B 54 34.22 5.92 4.81
N ASN B 55 33.42 4.91 5.17
CA ASN B 55 33.65 4.16 6.40
C ASN B 55 34.89 3.24 6.41
N GLY B 56 35.07 2.30 5.47
CA GLY B 56 34.16 1.98 4.38
C GLY B 56 33.55 0.60 4.51
N ASN B 57 32.36 0.56 5.13
CA ASN B 57 31.68 -0.71 5.33
C ASN B 57 31.08 -1.21 4.01
N THR B 58 30.95 -2.52 3.91
CA THR B 58 30.47 -3.17 2.70
C THR B 58 29.19 -3.96 3.00
N LYS B 59 28.46 -4.26 1.93
CA LYS B 59 27.28 -5.10 1.99
C LYS B 59 27.21 -5.89 0.69
N TYR B 60 27.26 -7.21 0.80
CA TYR B 60 27.36 -8.09 -0.37
C TYR B 60 26.06 -8.85 -0.57
N SER B 61 25.77 -9.17 -1.83
CA SER B 61 24.67 -10.06 -2.16
C SER B 61 25.05 -11.50 -1.83
N GLN B 62 24.15 -12.22 -1.17
CA GLN B 62 24.44 -13.60 -0.77
C GLN B 62 24.52 -14.55 -1.95
N LYS B 63 24.18 -14.11 -3.16
CA LYS B 63 24.26 -14.95 -4.35
C LYS B 63 25.69 -15.21 -4.79
N PHE B 64 26.69 -14.67 -4.10
CA PHE B 64 28.08 -14.89 -4.44
C PHE B 64 28.81 -15.77 -3.44
N HIS B 65 28.23 -16.00 -2.26
CA HIS B 65 28.78 -16.93 -1.26
C HIS B 65 30.18 -16.52 -0.83
N GLY B 66 30.34 -15.24 -0.50
CA GLY B 66 31.61 -14.75 -0.01
C GLY B 66 32.74 -14.76 -1.02
N ARG B 67 32.42 -14.74 -2.32
CA ARG B 67 33.44 -14.74 -3.36
C ARG B 67 33.80 -13.34 -3.86
N VAL B 68 32.99 -12.34 -3.55
CA VAL B 68 33.24 -10.98 -4.00
C VAL B 68 33.63 -10.12 -2.80
N ALA B 69 34.49 -9.15 -3.05
CA ALA B 69 34.96 -8.23 -2.01
C ALA B 69 35.09 -6.84 -2.61
N LEU B 70 34.59 -5.84 -1.91
CA LEU B 70 34.68 -4.45 -2.32
C LEU B 70 35.66 -3.70 -1.43
N SER B 71 36.37 -2.74 -2.04
CA SER B 71 37.33 -1.92 -1.31
C SER B 71 37.35 -0.55 -1.97
N ARG B 72 37.84 0.45 -1.23
CA ARG B 72 37.85 1.81 -1.72
C ARG B 72 39.16 2.49 -1.34
N ASP B 73 39.53 3.48 -2.15
CA ASP B 73 40.74 4.29 -1.95
C ASP B 73 40.31 5.76 -2.07
N THR B 74 40.20 6.44 -0.93
CA THR B 74 39.69 7.81 -0.95
C THR B 74 40.67 8.79 -1.56
N SER B 75 41.97 8.54 -1.41
CA SER B 75 42.97 9.45 -1.97
C SER B 75 42.94 9.48 -3.49
N ALA B 76 42.46 8.41 -4.13
CA ALA B 76 42.31 8.36 -5.58
C ALA B 76 40.84 8.36 -6.02
N SER B 77 39.90 8.36 -5.07
CA SER B 77 38.47 8.33 -5.36
C SER B 77 38.11 7.14 -6.26
N THR B 78 38.54 5.95 -5.83
CA THR B 78 38.39 4.74 -6.62
C THR B 78 37.92 3.60 -5.75
N THR B 79 36.95 2.84 -6.25
CA THR B 79 36.44 1.64 -5.61
CA THR B 79 36.48 1.64 -5.58
C THR B 79 36.87 0.42 -6.41
N TYR B 80 37.23 -0.65 -5.71
CA TYR B 80 37.71 -1.86 -6.37
C TYR B 80 36.75 -3.02 -6.07
N MET B 81 36.62 -3.91 -7.06
CA MET B 81 35.83 -5.13 -6.91
C MET B 81 36.73 -6.32 -7.21
N ASP B 82 36.88 -7.21 -6.23
CA ASP B 82 37.60 -8.45 -6.39
C ASP B 82 36.61 -9.61 -6.38
N LEU B 83 36.74 -10.49 -7.37
CA LEU B 83 35.87 -11.66 -7.49
C LEU B 83 36.76 -12.89 -7.69
N SER B 84 36.91 -13.69 -6.63
CA SER B 84 37.76 -14.86 -6.65
C SER B 84 36.97 -16.09 -7.04
N SER B 85 37.70 -17.17 -7.37
CA SER B 85 37.12 -18.45 -7.76
C SER B 85 36.17 -18.27 -8.96
N LEU B 86 36.72 -17.70 -10.03
CA LEU B 86 35.93 -17.36 -11.19
C LEU B 86 35.49 -18.61 -11.95
N ASN B 87 34.30 -18.54 -12.52
CA ASN B 87 33.77 -19.59 -13.37
C ASN B 87 33.09 -18.94 -14.57
N SER B 88 32.70 -19.77 -15.54
CA SER B 88 32.11 -19.25 -16.76
C SER B 88 30.77 -18.56 -16.53
N GLU B 89 30.08 -18.90 -15.44
CA GLU B 89 28.84 -18.20 -15.10
C GLU B 89 29.09 -16.77 -14.67
N ASP B 90 30.31 -16.44 -14.26
CA ASP B 90 30.67 -15.08 -13.88
C ASP B 90 31.03 -14.21 -15.08
N THR B 91 31.11 -14.78 -16.28
CA THR B 91 31.38 -14.00 -17.48
C THR B 91 30.26 -12.98 -17.69
N ALA B 92 30.59 -11.70 -17.52
CA ALA B 92 29.59 -10.64 -17.57
C ALA B 92 30.28 -9.29 -17.67
N VAL B 93 29.48 -8.26 -17.89
CA VAL B 93 29.94 -6.88 -17.76
C VAL B 93 29.64 -6.41 -16.34
N TYR B 94 30.60 -5.74 -15.71
CA TYR B 94 30.48 -5.29 -14.33
C TYR B 94 30.46 -3.77 -14.31
N TYR B 95 29.33 -3.19 -13.90
CA TYR B 95 29.17 -1.75 -13.80
C TYR B 95 29.31 -1.31 -12.34
N CYS B 96 29.79 -0.09 -12.16
CA CYS B 96 29.74 0.60 -10.87
C CYS B 96 28.79 1.77 -10.97
N ALA B 97 28.00 1.99 -9.92
CA ALA B 97 27.00 3.04 -9.92
C ALA B 97 27.02 3.77 -8.59
N ARG B 98 26.64 5.04 -8.62
CA ARG B 98 26.59 5.87 -7.43
C ARG B 98 25.16 5.93 -6.90
N ALA B 99 25.02 5.80 -5.59
CA ALA B 99 23.73 5.93 -4.92
C ALA B 99 23.51 7.38 -4.53
N PHE B 100 22.40 7.95 -4.98
CA PHE B 100 22.06 9.34 -4.70
C PHE B 100 20.69 9.38 -4.06
N TYR B 101 20.61 9.90 -2.84
CA TYR B 101 19.34 9.99 -2.11
C TYR B 101 18.49 11.12 -2.68
N TYR B 102 17.21 10.82 -2.91
CA TYR B 102 16.21 11.84 -3.18
C TYR B 102 15.22 11.88 -2.01
N SER B 103 14.10 12.57 -2.21
CA SER B 103 13.22 12.87 -1.08
C SER B 103 12.60 11.60 -0.49
N SER B 104 12.29 10.61 -1.33
CA SER B 104 11.57 9.43 -0.88
C SER B 104 12.31 8.14 -1.20
N GLY B 105 13.64 8.20 -1.24
CA GLY B 105 14.40 6.99 -1.45
C GLY B 105 15.82 7.29 -1.93
N VAL B 106 16.36 6.35 -2.68
CA VAL B 106 17.71 6.46 -3.26
C VAL B 106 17.68 5.80 -4.62
N MET B 107 18.52 6.31 -5.53
CA MET B 107 18.56 5.83 -6.90
C MET B 107 20.01 5.70 -7.34
N PHE B 108 20.22 4.92 -8.41
CA PHE B 108 21.54 4.81 -9.04
C PHE B 108 21.59 5.84 -10.14
N ASP B 109 22.04 7.05 -9.81
CA ASP B 109 21.93 8.17 -10.73
C ASP B 109 23.02 8.17 -11.79
N SER B 110 24.21 7.69 -11.47
CA SER B 110 25.35 7.74 -12.39
C SER B 110 26.01 6.36 -12.46
N TRP B 111 26.25 5.88 -13.67
CA TRP B 111 26.84 4.58 -13.90
C TRP B 111 28.19 4.72 -14.60
N GLY B 112 29.02 3.68 -14.46
CA GLY B 112 30.24 3.60 -15.22
C GLY B 112 30.05 2.86 -16.53
N GLN B 113 30.99 3.04 -17.45
CA GLN B 113 30.85 2.49 -18.79
C GLN B 113 30.82 0.96 -18.79
N GLY B 114 31.26 0.34 -17.73
CA GLY B 114 31.24 -1.11 -17.66
C GLY B 114 32.59 -1.71 -18.00
N ALA B 115 32.84 -2.90 -17.45
CA ALA B 115 34.09 -3.63 -17.67
C ALA B 115 33.74 -5.08 -17.99
N LEU B 116 34.16 -5.55 -19.15
CA LEU B 116 33.85 -6.91 -19.57
C LEU B 116 34.85 -7.89 -18.96
N VAL B 117 34.33 -8.92 -18.30
CA VAL B 117 35.13 -9.98 -17.72
C VAL B 117 34.71 -11.30 -18.38
N THR B 118 35.68 -12.00 -18.97
CA THR B 118 35.42 -13.24 -19.69
C THR B 118 36.21 -14.37 -19.04
N VAL B 119 35.50 -15.35 -18.48
CA VAL B 119 36.12 -16.53 -17.87
C VAL B 119 36.01 -17.64 -18.91
N SER B 120 37.01 -17.73 -19.77
CA SER B 120 37.03 -18.70 -20.86
C SER B 120 38.09 -19.77 -20.58
N SER B 121 38.02 -20.83 -21.39
CA SER B 121 38.94 -21.94 -21.22
C SER B 121 40.37 -21.52 -21.58
N ALA B 122 41.33 -22.07 -20.84
CA ALA B 122 42.74 -21.79 -21.12
C ALA B 122 43.24 -22.56 -22.33
N SER B 123 42.64 -23.71 -22.62
CA SER B 123 43.12 -24.60 -23.68
C SER B 123 42.14 -24.66 -24.84
N THR B 124 42.68 -24.98 -26.01
CA THR B 124 41.87 -25.19 -27.19
C THR B 124 41.05 -26.48 -27.08
N LYS B 125 39.83 -26.45 -27.60
CA LYS B 125 38.97 -27.63 -27.63
C LYS B 125 38.41 -27.81 -29.03
N GLY B 126 38.67 -28.97 -29.63
CA GLY B 126 38.18 -29.29 -30.95
C GLY B 126 36.69 -29.60 -30.95
N PRO B 127 36.06 -29.46 -32.11
CA PRO B 127 34.61 -29.64 -32.20
C PRO B 127 34.18 -31.07 -32.46
N SER B 128 32.96 -31.38 -32.03
CA SER B 128 32.28 -32.62 -32.35
C SER B 128 31.19 -32.32 -33.37
N VAL B 129 31.17 -33.09 -34.45
CA VAL B 129 30.27 -32.87 -35.57
C VAL B 129 29.27 -34.01 -35.64
N PHE B 130 27.98 -33.68 -35.63
CA PHE B 130 26.91 -34.66 -35.71
C PHE B 130 26.00 -34.34 -36.88
N PRO B 131 25.58 -35.34 -37.65
CA PRO B 131 24.77 -35.08 -38.84
C PRO B 131 23.30 -34.83 -38.48
N LEU B 132 22.76 -33.73 -38.98
CA LEU B 132 21.34 -33.44 -38.86
C LEU B 132 20.64 -34.03 -40.07
N ALA B 133 19.96 -35.16 -39.87
CA ALA B 133 19.35 -35.90 -40.96
C ALA B 133 18.33 -35.04 -41.71
N PRO B 134 18.23 -35.22 -43.02
CA PRO B 134 17.31 -34.38 -43.82
C PRO B 134 15.87 -34.54 -43.39
N SER B 135 15.19 -33.41 -43.19
CA SER B 135 13.79 -33.38 -42.84
C SER B 135 13.08 -32.38 -43.74
N SER B 136 11.89 -32.76 -44.20
CA SER B 136 11.07 -31.90 -45.07
C SER B 136 9.84 -31.37 -44.33
N LYS B 137 9.87 -31.35 -43.00
CA LYS B 137 8.69 -30.94 -42.24
C LYS B 137 8.50 -29.43 -42.27
N SER B 138 9.58 -28.66 -42.46
CA SER B 138 9.50 -27.20 -42.40
C SER B 138 10.05 -26.53 -43.65
N THR B 139 10.23 -27.28 -44.73
CA THR B 139 10.80 -26.73 -45.96
C THR B 139 9.71 -26.50 -47.00
N SER B 140 10.14 -25.94 -48.13
CA SER B 140 9.22 -25.71 -49.23
C SER B 140 8.77 -27.03 -49.83
N GLY B 141 7.95 -26.94 -50.88
CA GLY B 141 7.26 -28.12 -51.38
C GLY B 141 8.19 -29.23 -51.84
N GLY B 142 9.23 -28.88 -52.59
CA GLY B 142 10.11 -29.87 -53.17
C GLY B 142 11.48 -30.01 -52.54
N THR B 143 11.72 -29.40 -51.39
CA THR B 143 13.05 -29.36 -50.78
C THR B 143 13.05 -30.04 -49.41
N ALA B 144 14.26 -30.35 -48.95
CA ALA B 144 14.48 -30.95 -47.63
C ALA B 144 15.65 -30.25 -46.96
N ALA B 145 15.61 -30.20 -45.64
CA ALA B 145 16.61 -29.49 -44.84
C ALA B 145 17.52 -30.50 -44.14
N LEU B 146 18.79 -30.47 -44.48
CA LEU B 146 19.80 -31.27 -43.81
C LEU B 146 20.91 -30.37 -43.30
N GLY B 147 21.64 -30.85 -42.30
CA GLY B 147 22.73 -30.05 -41.78
C GLY B 147 23.66 -30.89 -40.92
N CYS B 148 24.53 -30.19 -40.20
CA CYS B 148 25.40 -30.85 -39.25
C CYS B 148 25.64 -29.90 -38.08
N LEU B 149 25.72 -30.47 -36.88
CA LEU B 149 25.84 -29.71 -35.65
C LEU B 149 27.29 -29.73 -35.19
N VAL B 150 27.89 -28.54 -35.05
CA VAL B 150 29.26 -28.38 -34.60
C VAL B 150 29.20 -28.01 -33.12
N LYS B 151 29.35 -29.00 -32.25
CA LYS B 151 29.06 -28.85 -30.83
C LYS B 151 30.33 -28.82 -30.00
N ASP B 152 30.37 -27.92 -29.02
CA ASP B 152 31.41 -27.87 -28.00
C ASP B 152 32.80 -27.67 -28.58
N TYR B 153 33.13 -26.45 -28.99
CA TYR B 153 34.46 -26.13 -29.48
C TYR B 153 34.90 -24.80 -28.88
N PHE B 154 36.21 -24.57 -28.93
CA PHE B 154 36.78 -23.33 -28.41
C PHE B 154 38.20 -23.13 -28.92
N PRO B 155 38.51 -21.90 -29.35
CA PRO B 155 37.55 -20.79 -29.43
C PRO B 155 36.99 -20.62 -30.84
N GLU B 156 36.38 -19.47 -31.09
CA GLU B 156 35.99 -19.08 -32.44
C GLU B 156 37.25 -18.87 -33.28
N PRO B 157 37.15 -19.08 -34.59
CA PRO B 157 35.96 -19.51 -35.32
C PRO B 157 36.07 -20.92 -35.89
N VAL B 158 35.02 -21.34 -36.59
CA VAL B 158 35.05 -22.54 -37.41
C VAL B 158 34.47 -22.18 -38.76
N THR B 159 34.93 -22.88 -39.79
CA THR B 159 34.43 -22.69 -41.15
C THR B 159 33.72 -23.97 -41.58
N VAL B 160 32.51 -23.82 -42.11
CA VAL B 160 31.71 -24.96 -42.55
C VAL B 160 31.36 -24.76 -44.01
N SER B 161 31.84 -25.68 -44.86
CA SER B 161 31.46 -25.74 -46.26
C SER B 161 30.72 -27.05 -46.51
N TRP B 162 30.20 -27.20 -47.73
CA TRP B 162 29.43 -28.38 -48.10
C TRP B 162 29.93 -28.91 -49.44
N ASN B 163 30.20 -30.21 -49.49
CA ASN B 163 30.74 -30.87 -50.68
C ASN B 163 31.99 -30.16 -51.17
N SER B 164 32.89 -29.87 -50.23
CA SER B 164 34.17 -29.23 -50.52
C SER B 164 34.00 -27.87 -51.20
N GLY B 165 32.90 -27.18 -50.90
CA GLY B 165 32.64 -25.88 -51.45
C GLY B 165 31.81 -25.87 -52.72
N ALA B 166 31.49 -27.04 -53.27
CA ALA B 166 30.69 -27.07 -54.50
C ALA B 166 29.24 -26.65 -54.24
N LEU B 167 28.72 -26.94 -53.06
CA LEU B 167 27.34 -26.60 -52.70
C LEU B 167 27.35 -25.28 -51.94
N THR B 168 26.87 -24.22 -52.58
CA THR B 168 26.87 -22.89 -52.00
C THR B 168 25.50 -22.27 -51.83
N SER B 169 24.52 -22.65 -52.66
CA SER B 169 23.19 -22.07 -52.57
C SER B 169 22.37 -22.76 -51.49
N GLY B 170 21.59 -21.97 -50.76
CA GLY B 170 20.75 -22.50 -49.70
C GLY B 170 21.48 -22.83 -48.42
N VAL B 171 22.76 -22.46 -48.29
CA VAL B 171 23.53 -22.77 -47.10
C VAL B 171 23.36 -21.65 -46.09
N HIS B 172 22.86 -21.99 -44.90
CA HIS B 172 22.66 -21.03 -43.81
C HIS B 172 23.42 -21.54 -42.59
N THR B 173 24.54 -20.88 -42.28
CA THR B 173 25.34 -21.19 -41.10
C THR B 173 24.98 -20.20 -40.00
N PHE B 174 24.32 -20.69 -38.95
CA PHE B 174 23.85 -19.83 -37.88
C PHE B 174 25.01 -19.38 -36.99
N PRO B 175 24.91 -18.20 -36.38
CA PRO B 175 25.94 -17.78 -35.42
C PRO B 175 26.03 -18.74 -34.25
N ALA B 176 27.22 -18.83 -33.67
CA ALA B 176 27.47 -19.77 -32.59
C ALA B 176 26.90 -19.26 -31.28
N VAL B 177 26.57 -20.19 -30.40
CA VAL B 177 26.09 -19.89 -29.05
C VAL B 177 27.22 -20.13 -28.06
N LEU B 178 27.45 -19.16 -27.18
CA LEU B 178 28.42 -19.30 -26.10
C LEU B 178 27.71 -19.94 -24.92
N GLN B 179 27.87 -21.25 -24.77
CA GLN B 179 27.18 -21.99 -23.72
C GLN B 179 27.73 -21.62 -22.35
N SER B 180 27.00 -22.02 -21.31
CA SER B 180 27.40 -21.73 -19.95
C SER B 180 28.70 -22.43 -19.57
N SER B 181 29.10 -23.46 -20.31
CA SER B 181 30.36 -24.16 -20.07
C SER B 181 31.53 -23.49 -20.77
N GLY B 182 31.35 -22.29 -21.32
CA GLY B 182 32.43 -21.60 -21.99
C GLY B 182 32.78 -22.11 -23.36
N LEU B 183 32.03 -23.06 -23.89
CA LEU B 183 32.29 -23.66 -25.19
C LEU B 183 31.25 -23.18 -26.21
N TYR B 184 31.67 -23.07 -27.46
CA TYR B 184 30.81 -22.61 -28.54
C TYR B 184 30.14 -23.79 -29.24
N SER B 185 29.06 -23.48 -29.95
CA SER B 185 28.33 -24.48 -30.73
C SER B 185 27.51 -23.78 -31.80
N LEU B 186 27.53 -24.32 -33.02
CA LEU B 186 26.74 -23.76 -34.10
C LEU B 186 26.16 -24.88 -34.95
N SER B 187 25.29 -24.49 -35.87
CA SER B 187 24.70 -25.42 -36.83
C SER B 187 24.74 -24.79 -38.21
N SER B 188 24.96 -25.62 -39.23
CA SER B 188 24.92 -25.20 -40.62
C SER B 188 23.85 -26.00 -41.33
N VAL B 189 22.97 -25.30 -42.06
CA VAL B 189 21.81 -25.91 -42.68
C VAL B 189 21.88 -25.70 -44.19
N VAL B 190 21.48 -26.70 -44.95
CA VAL B 190 21.39 -26.63 -46.40
C VAL B 190 20.03 -27.19 -46.82
N THR B 191 19.34 -26.49 -47.71
CA THR B 191 18.07 -26.96 -48.25
C THR B 191 18.31 -27.46 -49.67
N VAL B 192 18.03 -28.74 -49.90
CA VAL B 192 18.27 -29.36 -51.21
C VAL B 192 16.96 -30.03 -51.66
N PRO B 193 16.81 -30.25 -52.96
CA PRO B 193 15.63 -30.98 -53.44
C PRO B 193 15.60 -32.41 -52.93
N SER B 194 14.40 -32.85 -52.52
CA SER B 194 14.24 -34.19 -51.96
C SER B 194 14.37 -35.29 -53.01
N SER B 195 14.34 -34.96 -54.29
CA SER B 195 14.50 -35.98 -55.33
C SER B 195 15.94 -36.45 -55.48
N SER B 196 16.89 -35.79 -54.81
CA SER B 196 18.30 -36.15 -54.90
C SER B 196 18.84 -36.67 -53.57
N LEU B 197 17.97 -37.12 -52.66
CA LEU B 197 18.45 -37.60 -51.37
C LEU B 197 19.06 -38.99 -51.47
N GLY B 198 18.42 -39.89 -52.20
CA GLY B 198 18.95 -41.23 -52.41
C GLY B 198 19.98 -41.36 -53.50
N THR B 199 20.32 -40.26 -54.16
CA THR B 199 21.29 -40.23 -55.25
C THR B 199 22.50 -39.37 -54.95
N GLN B 200 22.31 -38.21 -54.34
CA GLN B 200 23.38 -37.23 -54.12
C GLN B 200 23.90 -37.34 -52.70
N THR B 201 25.22 -37.36 -52.55
CA THR B 201 25.87 -37.36 -51.26
C THR B 201 26.08 -35.94 -50.76
N TYR B 202 25.85 -35.72 -49.48
CA TYR B 202 26.04 -34.41 -48.85
C TYR B 202 27.00 -34.57 -47.68
N ILE B 203 28.11 -33.83 -47.73
CA ILE B 203 29.15 -33.89 -46.71
C ILE B 203 29.47 -32.47 -46.28
N CYS B 204 29.39 -32.21 -44.98
CA CYS B 204 29.73 -30.91 -44.43
C CYS B 204 31.18 -30.95 -43.96
N ASN B 205 31.97 -29.96 -44.39
CA ASN B 205 33.40 -29.89 -44.09
C ASN B 205 33.61 -28.87 -42.99
N VAL B 206 33.89 -29.34 -41.78
CA VAL B 206 34.13 -28.48 -40.63
C VAL B 206 35.63 -28.33 -40.45
N ASN B 207 36.08 -27.09 -40.31
CA ASN B 207 37.49 -26.79 -40.11
C ASN B 207 37.63 -25.91 -38.88
N HIS B 208 38.48 -26.34 -37.95
CA HIS B 208 38.76 -25.62 -36.71
C HIS B 208 40.27 -25.42 -36.64
N LYS B 209 40.73 -24.29 -37.20
CA LYS B 209 42.16 -24.00 -37.23
C LYS B 209 42.80 -23.91 -35.84
N PRO B 210 42.18 -23.33 -34.81
CA PRO B 210 42.82 -23.31 -33.50
C PRO B 210 43.15 -24.70 -32.96
N SER B 211 42.37 -25.73 -33.31
CA SER B 211 42.63 -27.09 -32.85
C SER B 211 43.32 -27.95 -33.90
N ASN B 212 43.47 -27.47 -35.13
CA ASN B 212 43.99 -28.25 -36.24
C ASN B 212 43.17 -29.53 -36.41
N THR B 213 41.85 -29.36 -36.42
CA THR B 213 40.91 -30.46 -36.58
C THR B 213 40.07 -30.23 -37.83
N LYS B 214 39.87 -31.29 -38.61
CA LYS B 214 39.02 -31.26 -39.79
C LYS B 214 38.11 -32.47 -39.76
N VAL B 215 36.82 -32.25 -40.05
CA VAL B 215 35.82 -33.31 -40.06
C VAL B 215 35.03 -33.21 -41.36
N ASP B 216 34.87 -34.34 -42.05
CA ASP B 216 34.01 -34.44 -43.22
C ASP B 216 32.88 -35.40 -42.85
N LYS B 217 31.76 -34.84 -42.40
CA LYS B 217 30.64 -35.63 -41.92
C LYS B 217 29.65 -35.86 -43.07
N LYS B 218 29.44 -37.13 -43.42
CA LYS B 218 28.45 -37.48 -44.42
C LYS B 218 27.06 -37.44 -43.81
N VAL B 219 26.16 -36.69 -44.45
CA VAL B 219 24.79 -36.53 -43.96
C VAL B 219 23.88 -37.41 -44.81
N GLU B 220 23.36 -38.48 -44.21
CA GLU B 220 22.54 -39.46 -44.89
C GLU B 220 21.10 -39.41 -44.38
N PRO B 221 20.13 -39.84 -45.18
CA PRO B 221 18.75 -39.92 -44.71
C PRO B 221 18.60 -40.99 -43.64
N LYS B 222 17.48 -40.93 -42.93
CA LYS B 222 17.19 -41.87 -41.86
C LYS B 222 16.98 -43.29 -42.38
N SER C 2 -15.48 -0.42 5.16
CA SER C 2 -15.79 0.94 4.73
C SER C 2 -15.60 1.97 5.84
N ALA C 3 -15.53 1.51 7.09
CA ALA C 3 -15.48 2.38 8.24
C ALA C 3 -14.15 2.23 8.98
N LEU C 4 -13.94 3.14 9.93
CA LEU C 4 -12.79 3.09 10.82
C LEU C 4 -13.24 2.56 12.18
N THR C 5 -12.41 1.67 12.75
CA THR C 5 -12.73 1.00 14.00
C THR C 5 -11.68 1.35 15.04
N GLN C 6 -12.12 1.92 16.16
CA GLN C 6 -11.29 2.22 17.31
C GLN C 6 -11.80 1.47 18.53
N PRO C 7 -10.94 1.22 19.51
CA PRO C 7 -11.42 0.72 20.80
C PRO C 7 -12.30 1.75 21.48
N PRO C 8 -13.35 1.32 22.17
CA PRO C 8 -14.25 2.31 22.80
C PRO C 8 -13.57 3.15 23.87
N SER C 9 -12.60 2.59 24.59
CA SER C 9 -11.98 3.31 25.69
C SER C 9 -10.57 2.79 25.93
N VAL C 10 -9.78 3.61 26.62
CA VAL C 10 -8.42 3.27 27.01
C VAL C 10 -8.09 4.11 28.24
N SER C 11 -7.20 3.58 29.08
CA SER C 11 -6.86 4.27 30.32
C SER C 11 -5.41 4.01 30.66
N GLY C 12 -4.86 4.91 31.48
CA GLY C 12 -3.50 4.77 31.95
C GLY C 12 -3.19 5.75 33.05
N ALA C 13 -2.27 5.40 33.94
CA ALA C 13 -1.91 6.29 35.03
C ALA C 13 -1.12 7.48 34.50
N PRO C 14 -1.11 8.59 35.24
CA PRO C 14 -0.29 9.74 34.82
C PRO C 14 1.17 9.34 34.65
N GLY C 15 1.81 9.92 33.63
CA GLY C 15 3.19 9.63 33.33
C GLY C 15 3.43 8.39 32.50
N GLN C 16 2.42 7.53 32.35
CA GLN C 16 2.57 6.33 31.55
C GLN C 16 2.18 6.62 30.10
N ARG C 17 2.18 5.58 29.27
CA ARG C 17 1.87 5.71 27.86
C ARG C 17 0.70 4.81 27.49
N VAL C 18 -0.09 5.26 26.52
CA VAL C 18 -1.19 4.49 25.96
C VAL C 18 -1.09 4.53 24.44
N SER C 19 -1.74 3.56 23.80
CA SER C 19 -1.78 3.48 22.35
C SER C 19 -3.24 3.35 21.92
N ILE C 20 -3.59 4.04 20.84
CA ILE C 20 -4.95 4.07 20.31
C ILE C 20 -4.88 3.58 18.87
N SER C 21 -5.46 2.42 18.61
CA SER C 21 -5.47 1.85 17.27
C SER C 21 -6.69 2.31 16.49
N CYS C 22 -6.57 2.23 15.16
CA CYS C 22 -7.67 2.61 14.27
C CYS C 22 -7.45 1.89 12.95
N THR C 23 -8.21 0.82 12.72
CA THR C 23 -8.07 0.03 11.51
C THR C 23 -9.05 0.51 10.44
N GLY C 24 -8.62 0.42 9.19
CA GLY C 24 -9.45 0.83 8.07
C GLY C 24 -9.63 -0.26 7.03
N GLY C 25 -9.54 0.09 5.76
CA GLY C 25 -9.73 -0.87 4.70
C GLY C 25 -9.10 -0.41 3.40
N SER C 26 -9.40 -1.15 2.34
CA SER C 26 -8.77 -0.89 1.06
C SER C 26 -9.28 0.40 0.42
N SER C 27 -10.51 0.79 0.73
CA SER C 27 -11.12 1.97 0.13
C SER C 27 -10.78 3.26 0.86
N ASN C 28 -9.99 3.20 1.95
CA ASN C 28 -9.57 4.41 2.64
C ASN C 28 -8.07 4.41 2.89
N PHE C 29 -7.62 3.74 3.96
CA PHE C 29 -6.18 3.65 4.21
C PHE C 29 -5.45 3.02 3.03
N GLY C 30 -6.01 1.96 2.46
CA GLY C 30 -5.38 1.28 1.34
C GLY C 30 -5.52 1.95 0.00
N ALA C 31 -6.31 3.02 -0.08
CA ALA C 31 -6.48 3.77 -1.32
C ALA C 31 -5.52 4.94 -1.44
N GLY C 32 -4.52 5.01 -0.56
CA GLY C 32 -3.57 6.11 -0.59
C GLY C 32 -4.00 7.36 0.14
N TYR C 33 -4.78 7.24 1.21
CA TYR C 33 -5.23 8.39 1.99
C TYR C 33 -4.57 8.37 3.36
N ASP C 34 -4.06 9.51 3.78
CA ASP C 34 -3.49 9.63 5.11
C ASP C 34 -4.58 9.58 6.18
N VAL C 35 -4.15 9.49 7.43
CA VAL C 35 -5.06 9.47 8.57
C VAL C 35 -4.86 10.73 9.38
N HIS C 36 -5.96 11.25 9.92
CA HIS C 36 -5.93 12.43 10.78
C HIS C 36 -6.50 12.07 12.15
N TRP C 37 -5.97 12.70 13.18
CA TRP C 37 -6.42 12.49 14.55
C TRP C 37 -6.94 13.80 15.12
N TYR C 38 -8.05 13.72 15.85
CA TYR C 38 -8.67 14.87 16.48
C TYR C 38 -8.87 14.59 17.95
N GLN C 39 -8.64 15.61 18.77
CA GLN C 39 -8.77 15.51 20.21
C GLN C 39 -9.93 16.37 20.67
N GLN C 40 -10.83 15.79 21.44
CA GLN C 40 -12.03 16.48 21.92
C GLN C 40 -12.08 16.41 23.44
N LEU C 41 -11.63 17.50 24.09
CA LEU C 41 -11.78 17.61 25.53
C LEU C 41 -13.27 17.73 25.89
N PRO C 42 -13.64 17.37 27.11
CA PRO C 42 -15.06 17.41 27.49
C PRO C 42 -15.65 18.80 27.33
N ALA C 43 -16.83 18.86 26.71
CA ALA C 43 -17.59 20.09 26.50
C ALA C 43 -16.83 21.10 25.64
N THR C 44 -16.03 20.62 24.70
CA THR C 44 -15.30 21.47 23.77
C THR C 44 -15.48 20.95 22.36
N ALA C 45 -15.00 21.75 21.37
CA ALA C 45 -15.02 21.37 19.97
C ALA C 45 -13.79 20.52 19.63
N PRO C 46 -13.93 19.61 18.67
CA PRO C 46 -12.78 18.80 18.26
C PRO C 46 -11.65 19.69 17.76
N LYS C 47 -10.43 19.34 18.15
CA LYS C 47 -9.23 20.08 17.77
C LYS C 47 -8.29 19.16 17.01
N LEU C 48 -7.71 19.70 15.93
CA LEU C 48 -6.75 18.93 15.15
C LEU C 48 -5.53 18.58 15.98
N LEU C 49 -5.26 17.29 16.11
CA LEU C 49 -4.11 16.78 16.86
C LEU C 49 -3.00 16.27 15.96
N ILE C 50 -3.34 15.39 15.03
CA ILE C 50 -2.39 14.82 14.07
C ILE C 50 -3.03 14.88 12.69
N TYR C 51 -2.28 15.40 11.72
CA TYR C 51 -2.69 15.33 10.32
C TYR C 51 -1.59 14.66 9.51
N GLY C 52 -1.99 13.97 8.44
CA GLY C 52 -1.04 13.27 7.60
C GLY C 52 -0.20 12.26 8.34
N ASN C 53 -0.87 11.34 9.05
CA ASN C 53 -0.25 10.21 9.74
C ASN C 53 0.57 10.62 10.96
N ASN C 54 1.47 11.59 10.83
CA ASN C 54 2.30 11.99 11.97
C ASN C 54 2.85 13.40 11.85
N ASN C 55 2.01 14.35 11.42
CA ASN C 55 2.37 15.76 11.46
C ASN C 55 1.55 16.44 12.55
N ARG C 56 2.23 17.26 13.35
CA ARG C 56 1.59 17.97 14.45
C ARG C 56 1.46 19.44 14.12
N PRO C 57 0.29 20.04 14.30
CA PRO C 57 0.18 21.49 14.15
C PRO C 57 0.88 22.24 15.29
N SER C 58 0.93 23.56 15.22
CA SER C 58 1.56 24.32 16.30
C SER C 58 0.77 24.16 17.60
N GLY C 59 1.51 23.99 18.70
CA GLY C 59 0.90 23.85 20.00
C GLY C 59 0.62 22.44 20.45
N VAL C 60 0.94 21.43 19.63
CA VAL C 60 0.73 20.04 19.97
C VAL C 60 2.09 19.44 20.32
N PRO C 61 2.34 19.06 21.58
CA PRO C 61 3.66 18.54 21.95
C PRO C 61 3.96 17.21 21.28
N ASP C 62 5.25 16.91 21.20
CA ASP C 62 5.73 15.72 20.51
C ASP C 62 5.48 14.44 21.29
N ARG C 63 4.85 14.50 22.46
CA ARG C 63 4.47 13.26 23.15
C ARG C 63 3.25 12.61 22.52
N PHE C 64 2.56 13.30 21.61
CA PHE C 64 1.59 12.68 20.72
C PHE C 64 2.30 12.28 19.45
N SER C 65 2.19 11.00 19.08
CA SER C 65 2.83 10.49 17.88
C SER C 65 1.90 9.50 17.19
N GLY C 66 1.88 9.54 15.87
CA GLY C 66 1.03 8.67 15.10
C GLY C 66 1.81 7.80 14.12
N SER C 67 1.21 6.69 13.73
CA SER C 67 1.79 5.80 12.74
C SER C 67 0.68 5.23 11.87
N LYS C 68 1.02 4.91 10.63
CA LYS C 68 0.05 4.37 9.69
C LYS C 68 0.77 3.44 8.75
N SER C 69 0.30 2.20 8.65
CA SER C 69 0.92 1.18 7.81
C SER C 69 -0.16 0.32 7.20
N GLY C 70 -0.33 0.43 5.89
CA GLY C 70 -1.28 -0.40 5.17
C GLY C 70 -2.73 -0.16 5.52
N THR C 71 -3.29 -1.01 6.38
CA THR C 71 -4.71 -0.98 6.71
C THR C 71 -5.00 -0.48 8.12
N SER C 72 -3.98 -0.22 8.93
CA SER C 72 -4.17 0.19 10.30
C SER C 72 -3.32 1.42 10.63
N ALA C 73 -3.85 2.26 11.50
CA ALA C 73 -3.16 3.43 12.02
C ALA C 73 -3.15 3.36 13.53
N SER C 74 -2.32 4.18 14.16
CA SER C 74 -2.20 4.16 15.61
C SER C 74 -1.77 5.53 16.11
N LEU C 75 -2.29 5.90 17.28
CA LEU C 75 -1.92 7.14 17.96
C LEU C 75 -1.33 6.79 19.32
N ALA C 76 -0.12 7.28 19.58
CA ALA C 76 0.58 7.01 20.81
C ALA C 76 0.68 8.27 21.65
N ILE C 77 0.48 8.13 22.96
CA ILE C 77 0.55 9.25 23.89
C ILE C 77 1.45 8.82 25.04
N THR C 78 2.61 9.47 25.17
CA THR C 78 3.54 9.18 26.25
C THR C 78 3.46 10.27 27.31
N GLY C 79 3.72 9.87 28.55
CA GLY C 79 3.65 10.80 29.67
C GLY C 79 2.26 11.38 29.86
N LEU C 80 1.30 10.52 30.18
CA LEU C 80 -0.08 10.96 30.32
C LEU C 80 -0.22 12.05 31.36
N GLN C 81 -1.04 13.05 31.05
CA GLN C 81 -1.37 14.14 31.96
C GLN C 81 -2.89 14.21 32.11
N ALA C 82 -3.32 14.79 33.23
CA ALA C 82 -4.74 14.84 33.55
C ALA C 82 -5.55 15.55 32.47
N GLU C 83 -4.97 16.58 31.83
CA GLU C 83 -5.67 17.34 30.81
C GLU C 83 -5.77 16.61 29.47
N ASP C 84 -5.16 15.42 29.36
CA ASP C 84 -5.29 14.62 28.15
C ASP C 84 -6.61 13.86 28.08
N GLU C 85 -7.39 13.86 29.16
CA GLU C 85 -8.65 13.13 29.17
C GLU C 85 -9.62 13.69 28.15
N GLY C 86 -10.25 12.81 27.40
CA GLY C 86 -11.22 13.22 26.39
C GLY C 86 -11.47 12.10 25.41
N ASP C 87 -11.93 12.49 24.23
CA ASP C 87 -12.18 11.55 23.14
C ASP C 87 -11.21 11.83 22.00
N TYR C 88 -10.77 10.76 21.33
CA TYR C 88 -9.82 10.86 20.23
C TYR C 88 -10.39 10.13 19.03
N PHE C 89 -10.51 10.84 17.91
CA PHE C 89 -11.10 10.33 16.68
C PHE C 89 -10.06 10.27 15.58
N CYS C 90 -10.06 9.17 14.82
CA CYS C 90 -9.32 9.09 13.58
C CYS C 90 -10.24 9.43 12.41
N GLN C 91 -9.65 9.94 11.34
CA GLN C 91 -10.43 10.38 10.19
C GLN C 91 -9.67 10.06 8.91
N SER C 92 -10.39 9.62 7.88
CA SER C 92 -9.83 9.38 6.57
C SER C 92 -10.94 9.51 5.54
N PHE C 93 -10.57 9.39 4.27
CA PHE C 93 -11.50 9.50 3.16
C PHE C 93 -11.72 8.11 2.57
N ASP C 94 -12.98 7.74 2.37
CA ASP C 94 -13.35 6.45 1.79
C ASP C 94 -13.86 6.68 0.37
N THR C 95 -13.14 6.12 -0.60
CA THR C 95 -13.48 6.38 -2.00
C THR C 95 -14.71 5.59 -2.45
N SER C 96 -14.99 4.45 -1.81
CA SER C 96 -16.20 3.71 -2.14
C SER C 96 -17.45 4.41 -1.63
N LEU C 97 -17.33 5.18 -0.54
CA LEU C 97 -18.42 6.02 -0.07
C LEU C 97 -18.43 7.40 -0.72
N SER C 98 -17.27 7.87 -1.18
CA SER C 98 -17.08 9.23 -1.66
C SER C 98 -17.48 10.24 -0.59
N GLY C 99 -16.79 10.15 0.55
CA GLY C 99 -17.05 11.03 1.67
C GLY C 99 -16.07 10.78 2.78
N TRP C 100 -16.17 11.61 3.81
CA TRP C 100 -15.27 11.53 4.96
C TRP C 100 -15.86 10.62 6.04
N ILE C 101 -15.01 9.79 6.62
CA ILE C 101 -15.41 8.85 7.65
C ILE C 101 -14.59 9.10 8.90
N PHE C 102 -15.22 8.93 10.07
CA PHE C 102 -14.55 9.04 11.35
C PHE C 102 -14.67 7.72 12.09
N GLY C 103 -13.66 7.43 12.92
CA GLY C 103 -13.76 6.32 13.83
C GLY C 103 -14.80 6.57 14.92
N GLY C 104 -15.17 5.50 15.61
CA GLY C 104 -16.18 5.61 16.65
C GLY C 104 -15.77 6.43 17.85
N GLY C 105 -14.49 6.81 17.94
CA GLY C 105 -14.03 7.55 19.10
C GLY C 105 -13.52 6.65 20.20
N THR C 106 -12.53 7.15 20.92
CA THR C 106 -11.90 6.43 22.02
C THR C 106 -11.81 7.36 23.22
N LYS C 107 -12.48 6.99 24.31
CA LYS C 107 -12.42 7.77 25.54
C LYS C 107 -11.14 7.43 26.29
N LEU C 108 -10.28 8.43 26.46
CA LEU C 108 -9.06 8.28 27.25
C LEU C 108 -9.32 8.76 28.66
N THR C 109 -8.95 7.92 29.64
CA THR C 109 -9.09 8.25 31.05
C THR C 109 -7.72 8.19 31.71
N VAL C 110 -7.32 9.29 32.35
CA VAL C 110 -6.10 9.33 33.14
C VAL C 110 -6.49 9.01 34.58
N LEU C 111 -6.02 7.86 35.07
CA LEU C 111 -6.49 7.34 36.35
C LEU C 111 -6.12 8.27 37.50
N GLY C 112 -7.13 8.81 38.16
CA GLY C 112 -6.96 9.57 39.38
C GLY C 112 -7.37 8.84 40.63
N GLN C 113 -7.68 7.55 40.52
CA GLN C 113 -8.09 6.72 41.64
C GLN C 113 -8.00 5.27 41.19
N PRO C 114 -7.99 4.32 42.14
CA PRO C 114 -7.98 2.91 41.75
C PRO C 114 -9.21 2.55 40.93
N LYS C 115 -9.07 1.51 40.10
CA LYS C 115 -10.17 1.04 39.28
C LYS C 115 -11.25 0.40 40.15
N ALA C 116 -12.50 0.55 39.72
CA ALA C 116 -13.64 -0.04 40.41
C ALA C 116 -14.43 -0.88 39.41
N ALA C 117 -14.64 -2.15 39.74
CA ALA C 117 -15.40 -3.03 38.85
C ALA C 117 -16.90 -2.78 39.02
N PRO C 118 -17.67 -2.81 37.93
CA PRO C 118 -19.10 -2.54 38.02
C PRO C 118 -19.87 -3.71 38.60
N SER C 119 -20.91 -3.38 39.36
CA SER C 119 -21.87 -4.36 39.87
C SER C 119 -23.12 -4.28 39.00
N VAL C 120 -23.51 -5.42 38.43
CA VAL C 120 -24.60 -5.48 37.47
C VAL C 120 -25.84 -6.06 38.14
N THR C 121 -26.99 -5.45 37.86
CA THR C 121 -28.28 -5.96 38.30
C THR C 121 -29.21 -6.01 37.10
N LEU C 122 -29.78 -7.16 36.82
CA LEU C 122 -30.62 -7.39 35.65
C LEU C 122 -32.02 -7.76 36.10
N PHE C 123 -33.01 -7.00 35.65
CA PHE C 123 -34.39 -7.25 36.00
C PHE C 123 -35.14 -7.81 34.79
N PRO C 124 -35.91 -8.88 34.95
CA PRO C 124 -36.73 -9.39 33.85
C PRO C 124 -37.97 -8.51 33.66
N PRO C 125 -38.67 -8.65 32.54
CA PRO C 125 -39.92 -7.91 32.37
C PRO C 125 -40.92 -8.26 33.46
N SER C 126 -41.54 -7.25 34.04
CA SER C 126 -42.52 -7.47 35.08
C SER C 126 -43.78 -8.12 34.51
N SER C 127 -44.45 -8.89 35.37
CA SER C 127 -45.70 -9.54 34.97
C SER C 127 -46.78 -8.51 34.62
N GLU C 128 -46.70 -7.32 35.21
CA GLU C 128 -47.67 -6.27 34.92
C GLU C 128 -47.41 -5.63 33.56
N GLU C 129 -46.14 -5.40 33.22
CA GLU C 129 -45.83 -4.83 31.91
C GLU C 129 -46.20 -5.79 30.79
N LEU C 130 -45.99 -7.09 31.00
CA LEU C 130 -46.39 -8.08 29.99
C LEU C 130 -47.89 -8.08 29.76
N GLN C 131 -48.68 -7.82 30.81
CA GLN C 131 -50.12 -7.70 30.63
C GLN C 131 -50.52 -6.47 29.83
N ALA C 132 -49.66 -5.45 29.79
CA ALA C 132 -49.86 -4.28 28.97
C ALA C 132 -49.22 -4.40 27.60
N ASN C 133 -48.96 -5.63 27.14
CA ASN C 133 -48.41 -5.90 25.80
C ASN C 133 -47.04 -5.23 25.61
N LYS C 134 -46.25 -5.13 26.67
CA LYS C 134 -44.91 -4.57 26.59
C LYS C 134 -43.95 -5.43 27.41
N ALA C 135 -42.66 -5.27 27.13
CA ALA C 135 -41.62 -6.03 27.82
C ALA C 135 -40.33 -5.24 27.74
N THR C 136 -39.74 -4.92 28.89
CA THR C 136 -38.48 -4.20 28.95
C THR C 136 -37.54 -4.90 29.92
N LEU C 137 -36.32 -5.15 29.47
CA LEU C 137 -35.27 -5.69 30.32
C LEU C 137 -34.37 -4.54 30.76
N VAL C 138 -34.10 -4.47 32.06
CA VAL C 138 -33.37 -3.36 32.66
C VAL C 138 -32.06 -3.90 33.22
N CYS C 139 -30.95 -3.41 32.68
CA CYS C 139 -29.62 -3.79 33.13
C CYS C 139 -28.98 -2.56 33.78
N LEU C 140 -28.81 -2.61 35.10
CA LEU C 140 -28.32 -1.49 35.87
C LEU C 140 -26.85 -1.69 36.22
N ILE C 141 -26.05 -0.67 35.98
CA ILE C 141 -24.59 -0.72 36.15
C ILE C 141 -24.19 0.45 37.04
N SER C 142 -23.54 0.16 38.16
CA SER C 142 -23.25 1.19 39.15
C SER C 142 -21.86 1.02 39.73
N ASP C 143 -21.26 2.15 40.10
CA ASP C 143 -20.04 2.21 40.90
C ASP C 143 -18.86 1.56 40.18
N PHE C 144 -18.58 2.06 38.98
CA PHE C 144 -17.41 1.62 38.23
C PHE C 144 -16.55 2.83 37.87
N TYR C 145 -15.27 2.55 37.65
CA TYR C 145 -14.29 3.53 37.22
C TYR C 145 -13.15 2.82 36.51
N PRO C 146 -12.72 3.35 35.34
CA PRO C 146 -13.16 4.57 34.69
C PRO C 146 -14.59 4.53 34.13
N GLY C 147 -15.12 5.70 33.78
CA GLY C 147 -16.48 5.80 33.28
C GLY C 147 -16.64 5.37 31.84
N ALA C 148 -16.41 4.09 31.58
CA ALA C 148 -16.51 3.56 30.22
C ALA C 148 -16.82 2.07 30.32
N VAL C 149 -18.00 1.67 29.83
CA VAL C 149 -18.42 0.29 29.80
C VAL C 149 -19.02 -0.02 28.45
N THR C 150 -19.04 -1.31 28.12
CA THR C 150 -19.64 -1.81 26.88
C THR C 150 -20.70 -2.84 27.25
N VAL C 151 -21.93 -2.60 26.81
CA VAL C 151 -23.05 -3.48 27.09
C VAL C 151 -23.42 -4.22 25.81
N ALA C 152 -23.44 -5.56 25.88
CA ALA C 152 -23.85 -6.41 24.77
C ALA C 152 -25.00 -7.28 25.24
N TRP C 153 -26.14 -7.18 24.57
CA TRP C 153 -27.29 -8.01 24.86
C TRP C 153 -27.29 -9.26 23.98
N LYS C 154 -27.80 -10.36 24.54
CA LYS C 154 -27.86 -11.62 23.83
C LYS C 154 -29.21 -12.28 24.07
N ALA C 155 -29.86 -12.72 22.99
CA ALA C 155 -31.02 -13.58 23.06
C ALA C 155 -30.54 -15.01 22.87
N ASP C 156 -30.64 -15.81 23.94
CA ASP C 156 -30.00 -17.12 24.00
C ASP C 156 -28.51 -16.94 23.75
N SER C 157 -28.03 -17.33 22.57
CA SER C 157 -26.62 -17.21 22.21
C SER C 157 -26.37 -16.15 21.14
N SER C 158 -27.42 -15.50 20.62
CA SER C 158 -27.24 -14.57 19.51
C SER C 158 -27.27 -13.13 19.99
N PRO C 159 -26.42 -12.28 19.42
CA PRO C 159 -26.43 -10.86 19.80
C PRO C 159 -27.74 -10.17 19.42
N VAL C 160 -28.11 -9.17 20.21
CA VAL C 160 -29.32 -8.39 19.98
C VAL C 160 -28.92 -6.93 19.84
N LYS C 161 -29.34 -6.30 18.74
CA LYS C 161 -29.07 -4.90 18.51
C LYS C 161 -30.33 -4.05 18.40
N ALA C 162 -31.47 -4.64 18.06
CA ALA C 162 -32.71 -3.88 17.92
C ALA C 162 -33.38 -3.71 19.28
N GLY C 163 -33.81 -2.49 19.57
CA GLY C 163 -34.47 -2.20 20.83
C GLY C 163 -33.56 -1.95 22.00
N VAL C 164 -32.26 -1.76 21.76
CA VAL C 164 -31.29 -1.52 22.82
C VAL C 164 -31.09 -0.02 22.98
N GLU C 165 -31.19 0.46 24.21
CA GLU C 165 -30.95 1.86 24.54
C GLU C 165 -30.06 1.90 25.78
N THR C 166 -28.84 2.41 25.62
CA THR C 166 -27.85 2.44 26.70
C THR C 166 -27.44 3.88 26.97
N THR C 167 -27.42 4.25 28.25
CA THR C 167 -26.98 5.57 28.64
C THR C 167 -25.47 5.72 28.47
N THR C 168 -25.03 6.96 28.42
CA THR C 168 -23.61 7.23 28.60
C THR C 168 -23.31 7.33 30.10
N PRO C 169 -22.17 6.82 30.53
CA PRO C 169 -21.86 6.81 31.98
C PRO C 169 -21.85 8.20 32.56
N SER C 170 -22.45 8.35 33.73
CA SER C 170 -22.54 9.63 34.44
C SER C 170 -21.92 9.50 35.82
N LYS C 171 -21.25 10.57 36.26
CA LYS C 171 -20.61 10.55 37.57
C LYS C 171 -21.63 10.50 38.68
N GLN C 172 -21.35 9.68 39.69
CA GLN C 172 -22.10 9.68 40.92
C GLN C 172 -21.46 10.68 41.89
N SER C 173 -21.94 10.71 43.13
CA SER C 173 -21.36 11.60 44.13
C SER C 173 -19.98 11.14 44.55
N ASN C 174 -19.77 9.82 44.62
CA ASN C 174 -18.51 9.23 45.07
C ASN C 174 -17.44 9.17 43.96
N ASN C 175 -17.58 9.98 42.92
CA ASN C 175 -16.67 10.02 41.77
C ASN C 175 -16.62 8.70 41.00
N LYS C 176 -17.51 7.77 41.29
CA LYS C 176 -17.71 6.57 40.48
C LYS C 176 -18.88 6.80 39.54
N TYR C 177 -18.95 5.97 38.50
CA TYR C 177 -19.90 6.15 37.41
C TYR C 177 -21.04 5.15 37.48
N ALA C 178 -22.17 5.55 36.89
CA ALA C 178 -23.36 4.73 36.82
C ALA C 178 -23.92 4.81 35.41
N ALA C 179 -24.56 3.72 34.99
CA ALA C 179 -25.15 3.63 33.67
C ALA C 179 -26.24 2.56 33.71
N SER C 180 -27.04 2.53 32.65
CA SER C 180 -28.11 1.56 32.54
C SER C 180 -28.37 1.28 31.08
N SER C 181 -28.84 0.06 30.79
CA SER C 181 -29.13 -0.36 29.44
C SER C 181 -30.52 -0.99 29.43
N TYR C 182 -31.34 -0.61 28.44
CA TYR C 182 -32.71 -1.08 28.34
C TYR C 182 -32.89 -1.85 27.05
N LEU C 183 -33.50 -3.02 27.13
CA LEU C 183 -33.84 -3.82 25.97
C LEU C 183 -35.35 -3.96 25.90
N SER C 184 -35.96 -3.30 24.92
CA SER C 184 -37.40 -3.34 24.74
CA SER C 184 -37.40 -3.34 24.74
C SER C 184 -37.77 -4.47 23.79
N LEU C 185 -38.69 -5.32 24.22
CA LEU C 185 -39.14 -6.47 23.44
C LEU C 185 -40.65 -6.57 23.48
N THR C 186 -41.18 -7.38 22.57
CA THR C 186 -42.58 -7.75 22.63
C THR C 186 -42.75 -8.93 23.59
N PRO C 187 -43.95 -9.10 24.15
CA PRO C 187 -44.18 -10.31 24.98
C PRO C 187 -43.92 -11.60 24.23
N GLU C 188 -44.05 -11.59 22.90
CA GLU C 188 -43.80 -12.82 22.13
C GLU C 188 -42.31 -13.11 22.04
N GLN C 189 -41.48 -12.08 21.79
CA GLN C 189 -40.04 -12.28 21.75
C GLN C 189 -39.52 -12.76 23.09
N TRP C 190 -40.02 -12.18 24.18
CA TRP C 190 -39.56 -12.59 25.50
C TRP C 190 -39.94 -14.05 25.79
N LYS C 191 -41.16 -14.45 25.42
CA LYS C 191 -41.61 -15.81 25.69
C LYS C 191 -40.96 -16.83 24.76
N SER C 192 -40.74 -16.47 23.50
CA SER C 192 -40.29 -17.45 22.52
C SER C 192 -38.84 -17.87 22.71
N HIS C 193 -38.03 -17.05 23.36
CA HIS C 193 -36.64 -17.41 23.63
C HIS C 193 -36.51 -18.08 24.99
N ARG C 194 -35.41 -18.79 25.18
CA ARG C 194 -35.17 -19.52 26.42
C ARG C 194 -34.38 -18.71 27.44
N SER C 195 -33.67 -17.68 27.01
CA SER C 195 -32.93 -16.83 27.94
C SER C 195 -32.53 -15.54 27.23
N TYR C 196 -32.31 -14.51 28.05
CA TYR C 196 -31.70 -13.26 27.59
C TYR C 196 -30.57 -12.89 28.54
N SER C 197 -29.58 -12.19 28.02
CA SER C 197 -28.37 -11.91 28.79
C SER C 197 -27.91 -10.48 28.56
N CYS C 198 -27.43 -9.86 29.64
CA CYS C 198 -26.79 -8.54 29.60
C CYS C 198 -25.33 -8.73 29.96
N GLN C 199 -24.45 -8.54 28.98
CA GLN C 199 -23.01 -8.71 29.19
C GLN C 199 -22.36 -7.33 29.26
N VAL C 200 -21.75 -7.04 30.42
CA VAL C 200 -21.10 -5.75 30.66
C VAL C 200 -19.59 -5.96 30.64
N THR C 201 -18.90 -5.18 29.83
CA THR C 201 -17.45 -5.25 29.68
C THR C 201 -16.83 -3.98 30.24
N HIS C 202 -15.84 -4.15 31.11
CA HIS C 202 -15.19 -3.01 31.77
C HIS C 202 -13.73 -3.36 32.01
N GLU C 203 -12.83 -2.66 31.31
CA GLU C 203 -11.39 -2.79 31.50
C GLU C 203 -10.94 -4.25 31.39
N GLY C 204 -11.31 -4.87 30.27
CA GLY C 204 -10.91 -6.23 29.98
C GLY C 204 -11.67 -7.31 30.72
N SER C 205 -12.45 -6.98 31.73
CA SER C 205 -13.27 -7.94 32.45
C SER C 205 -14.72 -7.83 32.01
N THR C 206 -15.40 -8.97 32.03
CA THR C 206 -16.80 -9.04 31.60
C THR C 206 -17.65 -9.68 32.70
N VAL C 207 -18.89 -9.20 32.81
CA VAL C 207 -19.88 -9.75 33.72
C VAL C 207 -21.16 -9.99 32.92
N GLU C 208 -21.71 -11.20 33.04
CA GLU C 208 -22.90 -11.56 32.28
C GLU C 208 -23.98 -12.07 33.23
N LYS C 209 -25.13 -11.41 33.23
CA LYS C 209 -26.31 -11.85 33.96
C LYS C 209 -27.35 -12.35 32.96
N THR C 210 -28.04 -13.42 33.32
CA THR C 210 -29.00 -14.06 32.43
C THR C 210 -30.33 -14.25 33.15
N VAL C 211 -31.42 -13.91 32.46
CA VAL C 211 -32.77 -14.12 32.96
C VAL C 211 -33.51 -15.02 31.98
N ALA C 212 -34.41 -15.83 32.53
CA ALA C 212 -35.23 -16.75 31.76
C ALA C 212 -36.71 -16.47 32.01
N PRO C 213 -37.56 -16.66 30.99
CA PRO C 213 -38.99 -16.37 31.17
C PRO C 213 -39.70 -17.30 32.12
N THR C 214 -39.10 -18.44 32.45
CA THR C 214 -39.74 -19.42 33.34
C THR C 214 -38.92 -19.61 34.61
C ASP D 3 -2.55 14.60 -24.17
N ASP D 4 -3.00 15.78 -24.61
CA ASP D 4 -2.41 17.04 -24.16
C ASP D 4 -2.79 17.34 -22.70
N MET D 5 -4.08 17.19 -22.37
CA MET D 5 -4.47 17.24 -20.96
C MET D 5 -3.89 16.05 -20.21
N GLU D 6 -3.98 14.85 -20.77
CA GLU D 6 -3.30 13.70 -20.21
C GLU D 6 -1.79 13.91 -20.15
N ARG D 7 -1.24 14.62 -21.14
CA ARG D 7 0.20 14.86 -21.16
CA ARG D 7 0.19 14.87 -21.18
C ARG D 7 0.63 15.80 -20.05
N ILE D 8 -0.19 16.80 -19.72
CA ILE D 8 0.16 17.71 -18.63
C ILE D 8 -0.07 17.05 -17.28
N PHE D 9 -1.11 16.23 -17.17
CA PHE D 9 -1.41 15.56 -15.90
C PHE D 9 -0.29 14.62 -15.49
N LYS D 10 0.25 13.86 -16.45
CA LYS D 10 1.29 12.89 -16.12
C LYS D 10 2.64 13.56 -15.86
N ARG D 11 2.87 14.75 -16.41
CA ARG D 11 4.15 15.42 -16.18
C ARG D 11 4.28 15.90 -14.74
N PHE D 12 3.17 16.31 -14.13
CA PHE D 12 3.20 16.86 -12.77
C PHE D 12 2.81 15.85 -11.70
N ASP D 13 2.35 14.66 -12.08
CA ASP D 13 2.11 13.57 -11.13
C ASP D 13 3.43 12.84 -10.92
N THR D 14 4.27 13.44 -10.06
CA THR D 14 5.65 13.01 -9.92
C THR D 14 5.82 11.70 -9.15
N ASN D 15 4.79 11.25 -8.43
CA ASN D 15 4.88 9.98 -7.72
C ASN D 15 4.07 8.87 -8.40
N GLY D 16 3.45 9.16 -9.53
CA GLY D 16 2.81 8.13 -10.34
C GLY D 16 1.62 7.45 -9.70
N ASP D 17 0.97 8.11 -8.75
CA ASP D 17 -0.18 7.51 -8.08
C ASP D 17 -1.50 7.85 -8.75
N GLY D 18 -1.47 8.57 -9.87
CA GLY D 18 -2.69 8.91 -10.58
C GLY D 18 -3.44 10.10 -10.02
N LYS D 19 -2.91 10.78 -9.01
CA LYS D 19 -3.54 11.94 -8.41
C LYS D 19 -2.54 13.08 -8.28
N ILE D 20 -3.05 14.30 -8.24
CA ILE D 20 -2.23 15.49 -8.06
C ILE D 20 -2.47 16.01 -6.65
N SER D 21 -1.40 16.04 -5.85
CA SER D 21 -1.44 16.63 -4.52
C SER D 21 -1.15 18.12 -4.59
N LEU D 22 -1.22 18.80 -3.45
CA LEU D 22 -0.95 20.24 -3.42
C LEU D 22 0.51 20.53 -3.72
N SER D 23 1.43 19.72 -3.17
CA SER D 23 2.84 19.94 -3.44
C SER D 23 3.16 19.78 -4.91
N GLU D 24 2.56 18.78 -5.57
CA GLU D 24 2.79 18.59 -7.00
C GLU D 24 2.21 19.75 -7.80
N LEU D 25 1.04 20.26 -7.41
CA LEU D 25 0.46 21.40 -8.11
C LEU D 25 1.28 22.66 -7.87
N THR D 26 1.81 22.82 -6.65
CA THR D 26 2.67 23.96 -6.37
C THR D 26 3.95 23.92 -7.20
N ASP D 27 4.52 22.72 -7.36
CA ASP D 27 5.68 22.57 -8.24
C ASP D 27 5.33 22.88 -9.68
N ALA D 28 4.09 22.60 -10.10
CA ALA D 28 3.67 22.93 -11.45
C ALA D 28 3.52 24.42 -11.65
N LEU D 29 2.90 25.10 -10.67
CA LEU D 29 2.72 26.55 -10.79
C LEU D 29 4.05 27.29 -10.71
N ARG D 30 5.06 26.70 -10.07
CA ARG D 30 6.39 27.29 -10.10
C ARG D 30 6.90 27.43 -11.52
N THR D 31 6.63 26.43 -12.38
CA THR D 31 7.02 26.54 -13.78
C THR D 31 6.27 27.69 -14.46
N LEU D 32 5.00 27.88 -14.10
CA LEU D 32 4.23 28.96 -14.71
C LEU D 32 4.71 30.32 -14.24
N GLY D 33 4.96 30.47 -12.95
CA GLY D 33 5.44 31.74 -12.42
C GLY D 33 5.30 31.77 -10.90
N SER D 34 5.04 32.96 -10.38
CA SER D 34 4.88 33.18 -8.95
C SER D 34 3.39 33.17 -8.62
N THR D 35 2.96 32.18 -7.85
CA THR D 35 1.59 32.08 -7.37
C THR D 35 1.62 31.99 -5.85
N SER D 36 0.80 32.80 -5.19
CA SER D 36 0.80 32.84 -3.74
C SER D 36 0.27 31.53 -3.16
N ALA D 37 0.57 31.33 -1.88
CA ALA D 37 0.08 30.12 -1.20
C ALA D 37 -1.42 30.13 -1.03
N ASP D 38 -2.02 31.32 -0.89
CA ASP D 38 -3.47 31.40 -0.76
C ASP D 38 -4.17 31.13 -2.09
N GLU D 39 -3.53 31.47 -3.21
CA GLU D 39 -4.14 31.25 -4.51
C GLU D 39 -4.11 29.78 -4.92
N VAL D 40 -3.02 29.08 -4.60
CA VAL D 40 -2.95 27.66 -4.94
C VAL D 40 -3.93 26.85 -4.09
N GLN D 41 -4.25 27.33 -2.88
CA GLN D 41 -5.29 26.68 -2.07
C GLN D 41 -6.65 26.81 -2.75
N ARG D 42 -6.98 28.01 -3.25
CA ARG D 42 -8.25 28.20 -3.93
C ARG D 42 -8.32 27.38 -5.21
N MET D 43 -7.23 27.36 -5.98
CA MET D 43 -7.20 26.57 -7.20
C MET D 43 -7.34 25.09 -6.89
N MET D 44 -6.72 24.63 -5.80
CA MET D 44 -6.84 23.24 -5.40
C MET D 44 -8.28 22.91 -5.01
N ALA D 45 -8.94 23.80 -4.26
CA ALA D 45 -10.30 23.53 -3.81
C ALA D 45 -11.31 23.60 -4.96
N GLU D 46 -10.99 24.36 -6.00
CA GLU D 46 -11.91 24.48 -7.14
C GLU D 46 -11.94 23.20 -7.96
N ILE D 47 -10.77 22.61 -8.23
CA ILE D 47 -10.70 21.43 -9.09
C ILE D 47 -11.03 20.17 -8.31
N ASP D 48 -10.61 20.10 -7.05
CA ASP D 48 -10.89 18.94 -6.20
C ASP D 48 -12.38 18.85 -5.93
N THR D 49 -13.11 18.19 -6.83
CA THR D 49 -14.57 18.14 -6.75
C THR D 49 -15.05 17.36 -5.54
N ASP D 50 -14.46 16.19 -5.28
CA ASP D 50 -14.91 15.39 -4.14
C ASP D 50 -14.28 15.82 -2.83
N GLY D 51 -13.31 16.74 -2.86
CA GLY D 51 -12.75 17.28 -1.64
C GLY D 51 -11.97 16.28 -0.81
N ASP D 52 -11.27 15.35 -1.47
CA ASP D 52 -10.50 14.31 -0.79
C ASP D 52 -9.04 14.67 -0.60
N GLY D 53 -8.59 15.80 -1.13
CA GLY D 53 -7.22 16.24 -0.99
C GLY D 53 -6.36 16.07 -2.23
N PHE D 54 -6.90 15.50 -3.31
CA PHE D 54 -6.14 15.25 -4.52
C PHE D 54 -6.96 15.66 -5.73
N ILE D 55 -6.28 15.82 -6.85
CA ILE D 55 -6.91 16.06 -8.14
C ILE D 55 -6.71 14.80 -8.97
N ASP D 56 -7.75 14.00 -9.12
CA ASP D 56 -7.66 12.84 -9.98
C ASP D 56 -7.80 13.25 -11.44
N PHE D 57 -7.60 12.28 -12.34
CA PHE D 57 -7.63 12.59 -13.77
C PHE D 57 -9.02 12.99 -14.23
N ASN D 58 -10.07 12.39 -13.64
CA ASN D 58 -11.43 12.75 -14.03
C ASN D 58 -11.77 14.18 -13.64
N GLU D 59 -11.41 14.58 -12.42
CA GLU D 59 -11.67 15.95 -11.99
C GLU D 59 -10.86 16.95 -12.81
N PHE D 60 -9.69 16.55 -13.28
CA PHE D 60 -8.85 17.45 -14.07
C PHE D 60 -9.45 17.69 -15.46
N ILE D 61 -9.95 16.65 -16.10
CA ILE D 61 -10.52 16.82 -17.43
C ILE D 61 -11.94 17.37 -17.35
N SER D 62 -12.65 17.11 -16.26
CA SER D 62 -13.94 17.77 -16.04
C SER D 62 -13.76 19.28 -15.96
N PHE D 63 -12.69 19.72 -15.29
CA PHE D 63 -12.48 21.15 -15.12
C PHE D 63 -11.98 21.81 -16.40
N CYS D 64 -11.09 21.12 -17.12
CA CYS D 64 -10.55 21.67 -18.37
C CYS D 64 -11.65 21.83 -19.43
N ASN D 65 -12.49 20.80 -19.61
CA ASN D 65 -13.56 20.89 -20.59
C ASN D 65 -14.60 21.93 -20.20
N ALA D 66 -14.87 22.07 -18.91
CA ALA D 66 -15.86 23.04 -18.46
C ALA D 66 -15.33 24.47 -18.49
N ASN D 67 -14.03 24.67 -18.62
CA ASN D 67 -13.42 26.00 -18.68
C ASN D 67 -12.51 26.11 -19.89
N PRO D 68 -13.08 26.15 -21.09
CA PRO D 68 -12.26 26.48 -22.27
C PRO D 68 -11.80 27.92 -22.17
N GLY D 69 -10.59 28.17 -22.66
CA GLY D 69 -9.86 29.34 -22.24
C GLY D 69 -8.92 29.06 -21.10
N LEU D 70 -8.85 27.81 -20.64
CA LEU D 70 -7.73 27.33 -19.85
C LEU D 70 -6.62 26.98 -20.83
N MET D 71 -5.56 27.78 -20.84
CA MET D 71 -4.51 27.62 -21.83
C MET D 71 -3.42 26.66 -21.34
N GLN E 1 -5.99 34.63 14.37
CA GLN E 1 -5.86 33.85 13.14
C GLN E 1 -7.22 33.31 12.68
N VAL E 2 -7.23 32.06 12.21
CA VAL E 2 -8.45 31.47 11.69
C VAL E 2 -9.47 31.30 12.80
N GLN E 3 -10.72 31.67 12.51
CA GLN E 3 -11.77 31.67 13.51
C GLN E 3 -13.10 31.35 12.84
N LEU E 4 -13.85 30.40 13.42
CA LEU E 4 -15.16 30.02 12.94
C LEU E 4 -16.14 30.14 14.09
N VAL E 5 -17.10 31.06 13.96
CA VAL E 5 -18.10 31.32 15.00
C VAL E 5 -19.46 30.91 14.46
N GLN E 6 -20.14 30.02 15.17
CA GLN E 6 -21.44 29.53 14.75
C GLN E 6 -22.56 30.22 15.53
N SER E 7 -23.77 30.03 15.05
CA SER E 7 -24.95 30.59 15.71
C SER E 7 -25.24 29.83 17.00
N GLY E 8 -26.21 30.31 17.76
CA GLY E 8 -26.54 29.75 19.05
C GLY E 8 -27.34 28.45 18.93
N ALA E 9 -27.78 27.96 20.09
CA ALA E 9 -28.56 26.74 20.13
C ALA E 9 -29.94 26.95 19.54
N GLU E 10 -30.52 25.88 19.01
CA GLU E 10 -31.83 25.92 18.38
C GLU E 10 -32.66 24.73 18.85
N VAL E 11 -33.95 24.98 19.09
CA VAL E 11 -34.89 23.95 19.48
C VAL E 11 -35.99 23.90 18.42
N ARG E 12 -36.25 22.70 17.91
CA ARG E 12 -37.23 22.51 16.85
C ARG E 12 -38.07 21.28 17.17
N ASN E 13 -39.14 21.11 16.39
CA ASN E 13 -40.06 19.99 16.48
C ASN E 13 -39.90 19.08 15.27
N PRO E 14 -40.34 17.82 15.38
CA PRO E 14 -40.24 16.91 14.23
C PRO E 14 -40.98 17.45 13.01
N GLY E 15 -40.33 17.35 11.86
CA GLY E 15 -40.88 17.84 10.61
C GLY E 15 -40.45 19.25 10.24
N ALA E 16 -40.04 20.06 11.21
CA ALA E 16 -39.66 21.45 10.96
C ALA E 16 -38.26 21.49 10.35
N SER E 17 -37.70 22.69 10.23
CA SER E 17 -36.38 22.91 9.68
C SER E 17 -35.57 23.77 10.63
N VAL E 18 -34.26 23.86 10.37
CA VAL E 18 -33.37 24.66 11.19
C VAL E 18 -32.24 25.16 10.31
N LYS E 19 -31.79 26.40 10.60
CA LYS E 19 -30.74 27.05 9.84
C LYS E 19 -29.62 27.46 10.79
N VAL E 20 -28.45 26.87 10.61
CA VAL E 20 -27.27 27.17 11.41
C VAL E 20 -26.25 27.87 10.54
N SER E 21 -25.64 28.92 11.08
CA SER E 21 -24.67 29.73 10.37
C SER E 21 -23.26 29.48 10.91
N CYS E 22 -22.28 29.84 10.09
CA CYS E 22 -20.87 29.71 10.44
C CYS E 22 -20.13 30.90 9.86
N LYS E 23 -19.67 31.80 10.72
CA LYS E 23 -19.01 33.03 10.32
C LYS E 23 -17.51 32.87 10.46
N ALA E 24 -16.78 33.17 9.38
CA ALA E 24 -15.34 32.98 9.31
C ALA E 24 -14.62 34.32 9.39
N SER E 25 -13.36 34.26 9.85
CA SER E 25 -12.53 35.45 9.96
C SER E 25 -11.07 35.01 10.10
N GLY E 26 -10.17 35.90 9.69
CA GLY E 26 -8.75 35.66 9.84
C GLY E 26 -8.07 35.00 8.65
N TYR E 27 -8.74 34.90 7.52
CA TYR E 27 -8.16 34.29 6.33
C TYR E 27 -9.04 34.65 5.13
N THR E 28 -8.54 34.32 3.95
CA THR E 28 -9.30 34.54 2.72
C THR E 28 -10.46 33.55 2.66
N PHE E 29 -11.68 34.07 2.83
CA PHE E 29 -12.84 33.19 2.96
C PHE E 29 -13.09 32.36 1.71
N THR E 30 -12.84 32.93 0.52
CA THR E 30 -13.15 32.27 -0.74
C THR E 30 -12.03 31.38 -1.24
N SER E 31 -11.02 31.10 -0.41
CA SER E 31 -9.91 30.25 -0.82
C SER E 31 -9.87 28.92 -0.09
N TYR E 32 -10.86 28.63 0.75
CA TYR E 32 -10.88 27.40 1.52
C TYR E 32 -12.31 26.89 1.63
N ALA E 33 -12.48 25.58 1.47
CA ALA E 33 -13.80 24.98 1.55
C ALA E 33 -14.21 24.81 3.01
N ILE E 34 -15.53 24.80 3.24
CA ILE E 34 -16.10 24.64 4.57
C ILE E 34 -16.84 23.31 4.61
N HIS E 35 -16.46 22.46 5.56
CA HIS E 35 -17.16 21.21 5.81
C HIS E 35 -18.03 21.34 7.06
N TRP E 36 -19.10 20.55 7.09
CA TRP E 36 -19.98 20.48 8.25
C TRP E 36 -19.99 19.07 8.79
N VAL E 37 -19.86 18.94 10.11
CA VAL E 37 -19.82 17.65 10.80
C VAL E 37 -20.75 17.73 12.01
N ARG E 38 -21.57 16.70 12.22
CA ARG E 38 -22.47 16.65 13.35
C ARG E 38 -22.05 15.54 14.30
N GLN E 39 -22.48 15.68 15.56
CA GLN E 39 -22.11 14.73 16.61
C GLN E 39 -23.32 14.49 17.50
N ALA E 40 -23.94 13.32 17.33
CA ALA E 40 -25.07 12.91 18.15
C ALA E 40 -24.64 12.73 19.61
N PRO E 41 -25.59 12.74 20.55
CA PRO E 41 -25.21 12.73 21.97
C PRO E 41 -24.31 11.58 22.38
N GLY E 42 -24.44 10.40 21.77
CA GLY E 42 -23.62 9.28 22.16
C GLY E 42 -22.68 8.79 21.08
N HIS E 43 -22.95 9.17 19.84
CA HIS E 43 -22.26 8.58 18.70
C HIS E 43 -21.02 9.40 18.30
N ARG E 44 -20.35 8.93 17.26
CA ARG E 44 -19.11 9.53 16.79
C ARG E 44 -19.41 10.76 15.94
N LEU E 45 -18.34 11.33 15.37
CA LEU E 45 -18.51 12.41 14.41
C LEU E 45 -19.03 11.86 13.09
N GLU E 46 -19.91 12.62 12.46
CA GLU E 46 -20.58 12.19 11.22
C GLU E 46 -20.51 13.33 10.21
N TRP E 47 -19.86 13.07 9.08
CA TRP E 47 -19.70 14.09 8.06
C TRP E 47 -21.03 14.43 7.40
N VAL E 48 -21.26 15.71 7.16
CA VAL E 48 -22.53 16.18 6.60
C VAL E 48 -22.33 16.55 5.14
N GLY E 49 -21.48 17.52 4.87
CA GLY E 49 -21.26 17.93 3.51
C GLY E 49 -20.13 18.94 3.39
N ARG E 50 -19.86 19.30 2.14
CA ARG E 50 -18.82 20.24 1.77
C ARG E 50 -19.41 21.30 0.86
N ILE E 51 -18.95 22.54 1.01
CA ILE E 51 -19.35 23.61 0.11
C ILE E 51 -18.12 24.44 -0.23
N ASN E 52 -17.95 24.74 -1.52
CA ASN E 52 -16.90 25.62 -1.98
C ASN E 52 -17.34 27.07 -1.76
N THR E 53 -16.61 27.78 -0.90
CA THR E 53 -16.98 29.15 -0.52
C THR E 53 -16.77 30.16 -1.63
N ASP E 54 -16.23 29.75 -2.78
CA ASP E 54 -16.05 30.66 -3.91
C ASP E 54 -17.17 30.56 -4.93
N ASN E 55 -17.50 29.34 -5.38
CA ASN E 55 -18.51 29.14 -6.41
C ASN E 55 -19.80 28.54 -5.88
N GLY E 56 -19.86 28.17 -4.60
CA GLY E 56 -21.07 27.63 -4.04
C GLY E 56 -21.38 26.20 -4.38
N ASN E 57 -20.45 25.48 -5.01
CA ASN E 57 -20.67 24.07 -5.29
C ASN E 57 -20.74 23.27 -4.00
N THR E 58 -21.68 22.32 -3.95
CA THR E 58 -21.95 21.56 -2.74
C THR E 58 -21.78 20.06 -3.01
N LYS E 59 -21.36 19.35 -1.97
CA LYS E 59 -21.28 17.90 -1.98
C LYS E 59 -21.88 17.40 -0.68
N TYR E 60 -22.94 16.61 -0.77
CA TYR E 60 -23.70 16.18 0.39
C TYR E 60 -23.54 14.68 0.61
N SER E 61 -23.51 14.29 1.88
CA SER E 61 -23.49 12.87 2.22
C SER E 61 -24.81 12.22 1.83
N GLN E 62 -24.72 11.03 1.25
CA GLN E 62 -25.92 10.30 0.85
C GLN E 62 -26.80 9.93 2.05
N LYS E 63 -26.23 9.94 3.25
CA LYS E 63 -26.97 9.56 4.45
C LYS E 63 -28.15 10.49 4.73
N PHE E 64 -28.09 11.74 4.27
CA PHE E 64 -29.12 12.72 4.60
C PHE E 64 -30.28 12.74 3.60
N HIS E 65 -30.16 12.05 2.48
CA HIS E 65 -31.25 11.92 1.50
C HIS E 65 -31.72 13.29 0.98
N GLY E 66 -30.75 14.15 0.66
CA GLY E 66 -31.08 15.48 0.17
C GLY E 66 -31.80 16.39 1.13
N ARG E 67 -31.98 15.97 2.38
CA ARG E 67 -32.64 16.81 3.38
C ARG E 67 -31.76 17.95 3.87
N VAL E 68 -30.48 17.97 3.51
CA VAL E 68 -29.54 18.98 3.96
C VAL E 68 -29.14 19.86 2.77
N ALA E 69 -28.96 21.15 3.04
CA ALA E 69 -28.54 22.10 2.02
C ALA E 69 -27.53 23.06 2.64
N LEU E 70 -26.46 23.35 1.88
CA LEU E 70 -25.42 24.25 2.31
C LEU E 70 -25.42 25.48 1.40
N SER E 71 -25.35 26.66 2.00
CA SER E 71 -25.32 27.91 1.27
C SER E 71 -24.18 28.77 1.79
N ARG E 72 -23.79 29.76 0.99
CA ARG E 72 -22.61 30.56 1.26
C ARG E 72 -22.90 32.02 0.96
N ASP E 73 -22.51 32.91 1.87
CA ASP E 73 -22.64 34.35 1.71
C ASP E 73 -21.24 34.95 1.76
N THR E 74 -20.68 35.25 0.58
CA THR E 74 -19.29 35.74 0.53
C THR E 74 -19.15 37.10 1.18
N SER E 75 -20.12 37.99 0.98
CA SER E 75 -20.01 39.35 1.52
C SER E 75 -19.89 39.34 3.04
N ALA E 76 -20.59 38.42 3.70
CA ALA E 76 -20.55 38.31 5.15
C ALA E 76 -19.63 37.20 5.63
N SER E 77 -18.94 36.50 4.73
CA SER E 77 -18.01 35.42 5.06
C SER E 77 -18.69 34.36 5.92
N THR E 78 -19.86 33.91 5.46
CA THR E 78 -20.70 33.02 6.25
C THR E 78 -21.24 31.89 5.38
N THR E 79 -21.20 30.68 5.93
CA THR E 79 -21.87 29.53 5.34
C THR E 79 -23.09 29.18 6.19
N TYR E 80 -24.05 28.52 5.56
CA TYR E 80 -25.32 28.18 6.20
C TYR E 80 -25.62 26.71 6.01
N MET E 81 -26.10 26.07 7.07
CA MET E 81 -26.49 24.66 7.06
C MET E 81 -27.98 24.59 7.31
N ASP E 82 -28.74 24.16 6.31
CA ASP E 82 -30.19 24.09 6.38
C ASP E 82 -30.60 22.62 6.33
N LEU E 83 -31.23 22.16 7.42
CA LEU E 83 -31.65 20.77 7.55
C LEU E 83 -33.16 20.75 7.74
N SER E 84 -33.87 20.21 6.76
CA SER E 84 -35.33 20.17 6.78
C SER E 84 -35.82 18.77 7.13
N SER E 85 -37.11 18.68 7.44
CA SER E 85 -37.77 17.43 7.84
C SER E 85 -36.99 16.76 8.98
N LEU E 86 -37.00 17.44 10.12
CA LEU E 86 -36.24 17.00 11.28
C LEU E 86 -36.95 15.86 12.00
N ASN E 87 -36.14 15.04 12.68
CA ASN E 87 -36.63 14.00 13.57
C ASN E 87 -35.71 13.91 14.78
N SER E 88 -36.03 13.02 15.71
CA SER E 88 -35.23 12.91 16.93
C SER E 88 -33.80 12.45 16.63
N GLU E 89 -33.62 11.68 15.56
CA GLU E 89 -32.27 11.20 15.21
C GLU E 89 -31.32 12.32 14.83
N ASP E 90 -31.83 13.51 14.51
CA ASP E 90 -30.98 14.62 14.10
C ASP E 90 -30.59 15.54 15.24
N THR E 91 -31.02 15.24 16.47
CA THR E 91 -30.57 15.99 17.64
C THR E 91 -29.07 15.76 17.83
N ALA E 92 -28.27 16.79 17.58
CA ALA E 92 -26.83 16.68 17.62
C ALA E 92 -26.22 18.07 17.71
N VAL E 93 -24.90 18.12 17.81
CA VAL E 93 -24.13 19.35 17.74
C VAL E 93 -23.54 19.43 16.34
N TYR E 94 -23.83 20.52 15.62
CA TYR E 94 -23.42 20.67 14.23
C TYR E 94 -22.22 21.61 14.17
N TYR E 95 -21.08 21.08 13.75
CA TYR E 95 -19.84 21.82 13.63
C TYR E 95 -19.59 22.24 12.19
N CYS E 96 -18.83 23.32 12.02
CA CYS E 96 -18.29 23.70 10.73
C CYS E 96 -16.77 23.68 10.81
N ALA E 97 -16.12 23.28 9.73
CA ALA E 97 -14.67 23.11 9.73
C ALA E 97 -14.10 23.60 8.41
N ARG E 98 -12.94 24.25 8.49
CA ARG E 98 -12.22 24.71 7.30
C ARG E 98 -11.31 23.60 6.80
N ALA E 99 -11.32 23.37 5.49
CA ALA E 99 -10.44 22.41 4.86
C ALA E 99 -9.15 23.10 4.43
N PHE E 100 -8.01 22.54 4.84
CA PHE E 100 -6.71 23.11 4.57
C PHE E 100 -5.83 22.06 3.93
N TYR E 101 -5.43 22.29 2.68
CA TYR E 101 -4.57 21.33 1.98
C TYR E 101 -3.16 21.38 2.53
N TYR E 102 -2.54 20.20 2.63
CA TYR E 102 -1.12 20.11 2.92
C TYR E 102 -0.43 19.33 1.80
N SER E 103 0.77 18.82 2.06
CA SER E 103 1.57 18.24 1.00
C SER E 103 0.87 17.04 0.34
N SER E 104 0.25 16.18 1.15
CA SER E 104 -0.30 14.93 0.63
C SER E 104 -1.73 14.71 1.11
N GLY E 105 -2.55 15.75 1.09
CA GLY E 105 -3.95 15.60 1.42
C GLY E 105 -4.54 16.91 1.90
N VAL E 106 -5.64 16.79 2.63
CA VAL E 106 -6.36 17.94 3.18
C VAL E 106 -6.86 17.57 4.57
N MET E 107 -6.89 18.56 5.45
CA MET E 107 -7.24 18.36 6.85
C MET E 107 -8.37 19.30 7.24
N PHE E 108 -8.96 19.03 8.41
CA PHE E 108 -9.92 19.95 9.03
C PHE E 108 -9.18 20.69 10.14
N ASP E 109 -8.49 21.76 9.74
CA ASP E 109 -7.53 22.41 10.63
C ASP E 109 -8.18 23.35 11.65
N SER E 110 -9.39 23.84 11.38
CA SER E 110 -10.04 24.78 12.28
C SER E 110 -11.53 24.46 12.38
N TRP E 111 -12.03 24.33 13.60
CA TRP E 111 -13.42 23.96 13.85
C TRP E 111 -14.14 25.10 14.56
N GLY E 112 -15.45 25.19 14.32
CA GLY E 112 -16.27 26.10 15.08
C GLY E 112 -16.63 25.53 16.42
N GLN E 113 -17.14 26.40 17.31
CA GLN E 113 -17.47 25.98 18.66
C GLN E 113 -18.66 25.03 18.71
N GLY E 114 -19.38 24.86 17.62
CA GLY E 114 -20.50 23.94 17.60
C GLY E 114 -21.81 24.62 17.94
N ALA E 115 -22.89 24.10 17.34
CA ALA E 115 -24.24 24.61 17.57
C ALA E 115 -25.16 23.44 17.84
N LEU E 116 -25.73 23.39 19.04
CA LEU E 116 -26.60 22.29 19.43
C LEU E 116 -27.99 22.49 18.85
N VAL E 117 -28.52 21.44 18.22
CA VAL E 117 -29.89 21.42 17.70
C VAL E 117 -30.61 20.26 18.35
N THR E 118 -31.71 20.56 19.05
CA THR E 118 -32.52 19.55 19.72
C THR E 118 -33.88 19.43 19.02
N VAL E 119 -34.30 18.20 18.80
CA VAL E 119 -35.61 17.90 18.20
C VAL E 119 -36.42 17.15 19.25
N SER E 120 -37.38 17.83 19.86
CA SER E 120 -38.15 17.29 20.95
C SER E 120 -39.63 17.30 20.60
N SER E 121 -40.38 16.47 21.31
CA SER E 121 -41.82 16.37 21.09
C SER E 121 -42.52 17.69 21.44
N ALA E 122 -43.62 17.95 20.73
CA ALA E 122 -44.37 19.18 20.99
C ALA E 122 -45.07 19.14 22.34
N SER E 123 -45.50 17.96 22.79
CA SER E 123 -46.35 17.84 23.96
C SER E 123 -45.67 17.03 25.05
N THR E 124 -46.10 17.28 26.29
CA THR E 124 -45.64 16.48 27.41
C THR E 124 -46.31 15.11 27.38
N LYS E 125 -45.65 14.12 27.98
CA LYS E 125 -46.18 12.77 28.03
C LYS E 125 -46.00 12.22 29.43
N GLY E 126 -47.07 11.65 29.98
CA GLY E 126 -47.02 11.04 31.30
C GLY E 126 -46.27 9.74 31.27
N PRO E 127 -45.58 9.43 32.36
CA PRO E 127 -44.80 8.20 32.43
C PRO E 127 -45.65 6.98 32.75
N SER E 128 -45.16 5.83 32.30
CA SER E 128 -45.71 4.53 32.70
C SER E 128 -44.80 3.93 33.74
N VAL E 129 -45.36 3.54 34.88
CA VAL E 129 -44.59 3.01 36.00
C VAL E 129 -44.89 1.53 36.16
N PHE E 130 -43.85 0.71 36.10
CA PHE E 130 -43.96 -0.73 36.26
C PHE E 130 -43.07 -1.20 37.41
N PRO E 131 -43.55 -2.11 38.24
CA PRO E 131 -42.73 -2.57 39.37
C PRO E 131 -41.61 -3.49 38.91
N LEU E 132 -40.52 -3.46 39.68
CA LEU E 132 -39.41 -4.39 39.49
C LEU E 132 -39.38 -5.30 40.73
N ALA E 133 -39.77 -6.56 40.53
CA ALA E 133 -39.93 -7.49 41.64
C ALA E 133 -38.63 -7.66 42.41
N PRO E 134 -38.70 -7.87 43.72
CA PRO E 134 -37.48 -7.99 44.52
C PRO E 134 -36.63 -9.17 44.08
N SER E 135 -35.32 -8.95 44.04
CA SER E 135 -34.36 -9.98 43.66
C SER E 135 -33.13 -9.85 44.55
N SER E 136 -32.77 -10.94 45.21
CA SER E 136 -31.56 -10.98 46.02
C SER E 136 -30.37 -11.55 45.29
N LYS E 137 -30.49 -11.76 43.97
CA LYS E 137 -29.48 -12.51 43.22
C LYS E 137 -28.16 -11.74 43.11
N SER E 138 -28.22 -10.41 43.10
CA SER E 138 -27.03 -9.60 42.91
C SER E 138 -26.75 -8.65 44.08
N THR E 139 -27.43 -8.83 45.20
CA THR E 139 -27.20 -8.01 46.39
C THR E 139 -26.35 -8.76 47.40
N SER E 140 -25.92 -8.02 48.42
CA SER E 140 -25.08 -8.57 49.47
C SER E 140 -25.93 -9.13 50.60
N GLY E 141 -25.31 -10.04 51.38
CA GLY E 141 -25.89 -10.48 52.63
C GLY E 141 -27.28 -11.04 52.50
N GLY E 142 -28.17 -10.62 53.39
CA GLY E 142 -29.56 -11.03 53.35
C GLY E 142 -30.47 -9.89 52.94
N THR E 143 -30.11 -9.17 51.89
CA THR E 143 -30.87 -8.06 51.38
C THR E 143 -31.41 -8.38 49.99
N ALA E 144 -32.35 -7.56 49.54
CA ALA E 144 -32.98 -7.70 48.23
C ALA E 144 -33.06 -6.35 47.55
N ALA E 145 -33.01 -6.37 46.22
CA ALA E 145 -33.09 -5.17 45.41
C ALA E 145 -34.42 -5.15 44.68
N LEU E 146 -35.21 -4.11 44.91
CA LEU E 146 -36.47 -3.91 44.22
C LEU E 146 -36.53 -2.48 43.70
N GLY E 147 -37.48 -2.23 42.81
CA GLY E 147 -37.62 -0.89 42.28
C GLY E 147 -38.84 -0.79 41.39
N CYS E 148 -38.87 0.30 40.63
CA CYS E 148 -39.93 0.52 39.66
C CYS E 148 -39.34 1.23 38.45
N LEU E 149 -39.84 0.85 37.27
CA LEU E 149 -39.36 1.38 36.00
C LEU E 149 -40.28 2.50 35.54
N VAL E 150 -39.71 3.68 35.28
CA VAL E 150 -40.46 4.85 34.86
C VAL E 150 -40.19 5.03 33.37
N LYS E 151 -41.17 4.66 32.54
CA LYS E 151 -40.98 4.49 31.11
C LYS E 151 -41.71 5.55 30.30
N ASP E 152 -41.04 6.06 29.28
CA ASP E 152 -41.65 6.85 28.20
C ASP E 152 -42.37 8.09 28.75
N TYR E 153 -41.56 9.08 29.13
CA TYR E 153 -42.06 10.35 29.60
C TYR E 153 -41.27 11.48 28.96
N PHE E 154 -41.88 12.66 28.97
CA PHE E 154 -41.26 13.86 28.44
C PHE E 154 -41.96 15.11 28.95
N PRO E 155 -41.20 16.14 29.32
CA PRO E 155 -39.73 16.14 29.35
C PRO E 155 -39.18 15.90 30.75
N GLU E 156 -37.89 16.16 30.94
CA GLU E 156 -37.29 16.14 32.27
C GLU E 156 -37.93 17.22 33.13
N PRO E 157 -37.99 17.00 34.45
CA PRO E 157 -37.55 15.81 35.18
C PRO E 157 -38.70 15.03 35.85
N VAL E 158 -38.39 13.83 36.33
CA VAL E 158 -39.29 13.09 37.20
C VAL E 158 -38.60 12.91 38.55
N THR E 159 -39.40 12.85 39.60
CA THR E 159 -38.90 12.56 40.94
C THR E 159 -39.51 11.26 41.43
N VAL E 160 -38.68 10.41 42.03
CA VAL E 160 -39.12 9.15 42.61
C VAL E 160 -38.79 9.19 44.09
N SER E 161 -39.76 8.80 44.92
CA SER E 161 -39.56 8.62 46.35
C SER E 161 -40.14 7.27 46.73
N TRP E 162 -39.88 6.86 47.98
CA TRP E 162 -40.31 5.55 48.46
C TRP E 162 -40.99 5.70 49.80
N ASN E 163 -42.16 5.07 49.94
CA ASN E 163 -42.98 5.14 51.14
C ASN E 163 -43.21 6.59 51.56
N SER E 164 -43.60 7.42 50.58
CA SER E 164 -43.87 8.84 50.79
C SER E 164 -42.65 9.57 51.34
N GLY E 165 -41.45 9.14 50.96
CA GLY E 165 -40.23 9.76 51.40
C GLY E 165 -39.64 9.20 52.68
N ALA E 166 -40.32 8.27 53.34
CA ALA E 166 -39.79 7.69 54.57
C ALA E 166 -38.55 6.84 54.29
N LEU E 167 -38.62 5.99 53.27
CA LEU E 167 -37.50 5.13 52.92
C LEU E 167 -36.55 5.91 52.03
N THR E 168 -35.38 6.26 52.57
CA THR E 168 -34.39 7.04 51.85
C THR E 168 -33.02 6.38 51.77
N SER E 169 -32.71 5.45 52.67
CA SER E 169 -31.40 4.78 52.64
C SER E 169 -31.44 3.60 51.67
N GLY E 170 -30.36 3.46 50.91
CA GLY E 170 -30.28 2.42 49.91
C GLY E 170 -31.01 2.70 48.61
N VAL E 171 -31.50 3.93 48.44
CA VAL E 171 -32.22 4.31 47.23
C VAL E 171 -31.20 4.80 46.20
N HIS E 172 -31.30 4.27 44.98
CA HIS E 172 -30.45 4.69 43.87
C HIS E 172 -31.32 4.91 42.65
N THR E 173 -31.48 6.18 42.25
CA THR E 173 -32.24 6.55 41.07
C THR E 173 -31.27 6.83 39.94
N PHE E 174 -31.27 5.98 38.93
CA PHE E 174 -30.34 6.09 37.82
C PHE E 174 -30.74 7.24 36.89
N PRO E 175 -29.77 7.90 36.27
CA PRO E 175 -30.10 8.96 35.30
C PRO E 175 -30.93 8.41 34.15
N ALA E 176 -31.82 9.25 33.63
CA ALA E 176 -32.74 8.84 32.58
C ALA E 176 -32.00 8.54 31.29
N VAL E 177 -32.63 7.72 30.45
CA VAL E 177 -32.13 7.40 29.12
C VAL E 177 -33.01 8.11 28.09
N LEU E 178 -32.39 8.62 27.04
CA LEU E 178 -33.10 9.27 25.94
C LEU E 178 -33.24 8.25 24.82
N GLN E 179 -34.42 7.67 24.69
CA GLN E 179 -34.68 6.68 23.66
C GLN E 179 -34.73 7.34 22.28
N SER E 180 -34.70 6.51 21.24
CA SER E 180 -34.75 7.02 19.87
C SER E 180 -36.09 7.68 19.55
N SER E 181 -37.12 7.41 20.33
CA SER E 181 -38.44 8.01 20.12
C SER E 181 -38.57 9.38 20.76
N GLY E 182 -37.52 9.89 21.39
CA GLY E 182 -37.56 11.19 22.04
C GLY E 182 -38.08 11.18 23.46
N LEU E 183 -38.50 10.03 23.98
CA LEU E 183 -39.03 9.92 25.33
C LEU E 183 -37.96 9.44 26.29
N TYR E 184 -38.14 9.76 27.56
CA TYR E 184 -37.20 9.42 28.61
C TYR E 184 -37.66 8.19 29.39
N SER E 185 -36.69 7.49 29.99
CA SER E 185 -36.96 6.34 30.84
C SER E 185 -35.87 6.27 31.89
N LEU E 186 -36.25 5.90 33.11
CA LEU E 186 -35.27 5.70 34.17
C LEU E 186 -35.79 4.65 35.15
N SER E 187 -34.89 4.20 36.02
CA SER E 187 -35.23 3.23 37.05
C SER E 187 -34.76 3.75 38.40
N SER E 188 -35.54 3.46 39.44
CA SER E 188 -35.19 3.76 40.82
C SER E 188 -35.23 2.44 41.60
N VAL E 189 -34.12 2.10 42.25
CA VAL E 189 -33.96 0.81 42.90
C VAL E 189 -33.54 1.03 44.34
N VAL E 190 -34.18 0.30 45.26
CA VAL E 190 -33.88 0.36 46.69
C VAL E 190 -33.47 -1.03 47.15
N THR E 191 -32.45 -1.10 48.01
CA THR E 191 -32.01 -2.35 48.62
C THR E 191 -32.62 -2.44 50.02
N VAL E 192 -33.43 -3.46 50.24
CA VAL E 192 -34.15 -3.63 51.49
C VAL E 192 -33.78 -4.98 52.09
N PRO E 193 -33.97 -5.17 53.39
CA PRO E 193 -33.71 -6.48 53.99
C PRO E 193 -34.70 -7.52 53.48
N SER E 194 -34.21 -8.76 53.34
CA SER E 194 -35.05 -9.85 52.83
C SER E 194 -36.08 -10.32 53.86
N SER E 195 -35.82 -10.12 55.15
CA SER E 195 -36.76 -10.53 56.17
C SER E 195 -38.03 -9.69 56.18
N SER E 196 -37.98 -8.48 55.63
CA SER E 196 -39.12 -7.56 55.67
C SER E 196 -40.05 -7.71 54.48
N LEU E 197 -39.67 -8.51 53.47
CA LEU E 197 -40.44 -8.54 52.22
C LEU E 197 -41.87 -9.00 52.45
N GLY E 198 -42.08 -9.96 53.36
CA GLY E 198 -43.41 -10.40 53.70
C GLY E 198 -44.14 -9.55 54.72
N THR E 199 -43.41 -8.68 55.43
CA THR E 199 -43.99 -7.84 56.47
C THR E 199 -44.20 -6.41 56.03
N GLN E 200 -43.26 -5.83 55.30
CA GLN E 200 -43.28 -4.43 54.93
C GLN E 200 -43.84 -4.23 53.53
N THR E 201 -44.41 -3.05 53.31
CA THR E 201 -44.91 -2.63 52.01
C THR E 201 -43.99 -1.57 51.44
N TYR E 202 -43.70 -1.67 50.14
CA TYR E 202 -42.84 -0.72 49.44
C TYR E 202 -43.61 -0.13 48.28
N ILE E 203 -43.70 1.21 48.25
CA ILE E 203 -44.41 1.94 47.23
C ILE E 203 -43.48 3.03 46.70
N CYS E 204 -43.30 3.07 45.39
CA CYS E 204 -42.48 4.10 44.76
C CYS E 204 -43.41 5.22 44.29
N ASN E 205 -43.08 6.46 44.68
CA ASN E 205 -43.91 7.63 44.40
C ASN E 205 -43.28 8.39 43.25
N VAL E 206 -43.90 8.29 42.07
CA VAL E 206 -43.41 8.95 40.87
C VAL E 206 -44.26 10.19 40.62
N ASN E 207 -43.60 11.33 40.39
CA ASN E 207 -44.27 12.59 40.15
C ASN E 207 -43.63 13.24 38.93
N HIS E 208 -44.45 13.51 37.91
CA HIS E 208 -44.01 14.16 36.68
C HIS E 208 -44.79 15.47 36.57
N LYS E 209 -44.20 16.54 37.11
CA LYS E 209 -44.88 17.84 37.13
C LYS E 209 -45.13 18.42 35.75
N PRO E 210 -44.25 18.28 34.75
CA PRO E 210 -44.58 18.83 33.42
C PRO E 210 -45.90 18.33 32.84
N SER E 211 -46.37 17.15 33.25
CA SER E 211 -47.66 16.64 32.81
C SER E 211 -48.65 16.48 33.97
N ASN E 212 -48.26 16.84 35.19
CA ASN E 212 -49.13 16.74 36.37
C ASN E 212 -49.60 15.30 36.59
N THR E 213 -48.70 14.34 36.43
CA THR E 213 -48.99 12.93 36.62
C THR E 213 -48.34 12.45 37.92
N LYS E 214 -49.08 11.62 38.66
CA LYS E 214 -48.59 11.01 39.90
C LYS E 214 -48.95 9.54 39.90
N VAL E 215 -47.98 8.69 40.24
CA VAL E 215 -48.19 7.25 40.35
C VAL E 215 -47.53 6.75 41.62
N ASP E 216 -48.32 6.10 42.49
CA ASP E 216 -47.82 5.43 43.68
C ASP E 216 -47.88 3.93 43.40
N LYS E 217 -46.72 3.34 43.15
CA LYS E 217 -46.64 1.97 42.64
C LYS E 217 -46.19 1.04 43.76
N LYS E 218 -47.07 0.12 44.16
CA LYS E 218 -46.74 -0.87 45.17
C LYS E 218 -45.97 -2.02 44.51
N VAL E 219 -44.80 -2.33 45.07
CA VAL E 219 -43.92 -3.36 44.52
C VAL E 219 -44.02 -4.58 45.43
N GLU E 220 -44.60 -5.65 44.92
CA GLU E 220 -44.81 -6.90 45.65
C GLU E 220 -43.82 -7.96 45.20
N PRO E 221 -43.54 -8.95 46.04
CA PRO E 221 -42.67 -10.05 45.63
C PRO E 221 -43.29 -10.87 44.52
N LYS E 222 -42.47 -11.71 43.91
CA LYS E 222 -42.91 -12.56 42.80
C LYS E 222 -43.90 -13.61 43.27
N ASP F 3 13.93 4.50 24.16
CA ASP F 3 12.69 5.21 24.45
C ASP F 3 12.89 6.72 24.26
N ASP F 4 14.07 7.21 24.66
CA ASP F 4 14.44 8.58 24.31
C ASP F 4 14.95 8.65 22.87
N MET F 5 15.63 7.61 22.40
CA MET F 5 15.88 7.46 20.98
C MET F 5 14.58 7.24 20.21
N GLU F 6 13.58 6.64 20.87
CA GLU F 6 12.29 6.40 20.22
C GLU F 6 11.51 7.69 20.05
N ARG F 7 11.68 8.65 20.97
CA ARG F 7 10.96 9.90 20.86
C ARG F 7 11.47 10.75 19.70
N ILE F 8 12.80 10.85 19.55
CA ILE F 8 13.36 11.66 18.48
C ILE F 8 13.04 11.04 17.13
N PHE F 9 13.03 9.71 17.04
CA PHE F 9 12.73 9.03 15.79
C PHE F 9 11.28 9.29 15.36
N LYS F 10 10.33 9.10 16.27
CA LYS F 10 8.93 9.30 15.92
C LYS F 10 8.62 10.77 15.69
N ARG F 11 9.38 11.67 16.31
CA ARG F 11 9.14 13.11 16.13
C ARG F 11 9.44 13.55 14.70
N PHE F 12 10.41 12.91 14.04
CA PHE F 12 10.82 13.30 12.71
C PHE F 12 10.32 12.36 11.62
N ASP F 13 9.70 11.24 11.98
CA ASP F 13 9.01 10.38 11.02
C ASP F 13 7.60 10.92 10.83
N THR F 14 7.50 12.00 10.05
CA THR F 14 6.27 12.78 9.96
C THR F 14 5.19 12.12 9.10
N ASN F 15 5.53 11.12 8.29
CA ASN F 15 4.52 10.38 7.54
C ASN F 15 4.15 9.05 8.20
N GLY F 16 4.69 8.76 9.38
CA GLY F 16 4.27 7.63 10.17
C GLY F 16 4.53 6.26 9.59
N ASP F 17 5.50 6.13 8.68
CA ASP F 17 5.77 4.86 8.04
C ASP F 17 6.88 4.07 8.73
N GLY F 18 7.44 4.58 9.82
CA GLY F 18 8.49 3.87 10.55
C GLY F 18 9.88 4.01 9.98
N LYS F 19 10.07 4.86 8.97
CA LYS F 19 11.37 5.06 8.35
C LYS F 19 11.63 6.56 8.20
N ILE F 20 12.91 6.91 8.15
CA ILE F 20 13.34 8.29 7.99
C ILE F 20 13.92 8.46 6.60
N SER F 21 13.31 9.33 5.80
CA SER F 21 13.79 9.62 4.45
C SER F 21 14.74 10.81 4.47
N LEU F 22 15.34 11.08 3.31
CA LEU F 22 16.23 12.23 3.19
C LEU F 22 15.46 13.53 3.44
N SER F 23 14.21 13.60 2.98
CA SER F 23 13.41 14.80 3.22
C SER F 23 13.14 15.02 4.70
N GLU F 24 12.79 13.96 5.42
CA GLU F 24 12.52 14.09 6.85
C GLU F 24 13.80 14.32 7.64
N LEU F 25 14.91 13.71 7.21
CA LEU F 25 16.18 13.99 7.86
C LEU F 25 16.66 15.41 7.61
N THR F 26 16.37 15.95 6.41
CA THR F 26 16.71 17.34 6.13
C THR F 26 15.89 18.29 6.98
N ASP F 27 14.58 18.04 7.11
CA ASP F 27 13.74 18.85 7.97
C ASP F 27 14.16 18.70 9.44
N ALA F 28 14.66 17.53 9.82
CA ALA F 28 15.15 17.34 11.18
C ALA F 28 16.44 18.11 11.41
N LEU F 29 17.34 18.11 10.41
CA LEU F 29 18.61 18.82 10.55
C LEU F 29 18.44 20.33 10.47
N ARG F 30 17.31 20.81 9.94
CA ARG F 30 17.08 22.24 9.88
C ARG F 30 16.84 22.86 11.25
N THR F 31 16.51 22.04 12.25
CA THR F 31 16.31 22.56 13.60
C THR F 31 17.62 22.70 14.36
N LEU F 32 18.55 21.75 14.17
CA LEU F 32 19.83 21.82 14.85
C LEU F 32 20.68 22.98 14.34
N GLY F 33 20.49 23.37 13.08
CA GLY F 33 21.25 24.47 12.52
C GLY F 33 21.15 24.55 11.01
N SER F 34 22.30 24.62 10.34
CA SER F 34 22.35 24.70 8.88
C SER F 34 23.27 23.61 8.37
N THR F 35 22.75 22.75 7.49
CA THR F 35 23.48 21.61 6.97
C THR F 35 23.39 21.62 5.45
N SER F 36 24.54 21.56 4.79
CA SER F 36 24.58 21.57 3.33
C SER F 36 24.06 20.26 2.77
N ALA F 37 23.61 20.32 1.51
CA ALA F 37 23.01 19.15 0.88
C ALA F 37 24.00 18.00 0.76
N ASP F 38 25.29 18.30 0.60
CA ASP F 38 26.29 17.25 0.48
C ASP F 38 26.57 16.60 1.83
N GLU F 39 26.39 17.33 2.93
CA GLU F 39 26.65 16.76 4.25
C GLU F 39 25.52 15.85 4.72
N VAL F 40 24.28 16.20 4.40
CA VAL F 40 23.15 15.35 4.78
C VAL F 40 23.16 14.07 3.95
N GLN F 41 23.69 14.12 2.73
CA GLN F 41 23.83 12.91 1.93
C GLN F 41 24.83 11.95 2.56
N ARG F 42 25.94 12.48 3.09
CA ARG F 42 26.95 11.63 3.71
C ARG F 42 26.40 10.91 4.93
N MET F 43 25.69 11.63 5.80
CA MET F 43 25.20 11.02 7.03
C MET F 43 24.03 10.07 6.76
N MET F 44 23.25 10.33 5.71
CA MET F 44 22.22 9.37 5.32
C MET F 44 22.85 8.05 4.88
N ALA F 45 23.97 8.10 4.16
CA ALA F 45 24.62 6.89 3.70
C ALA F 45 25.36 6.17 4.83
N GLU F 46 25.71 6.88 5.90
CA GLU F 46 26.41 6.25 7.01
C GLU F 46 25.46 5.41 7.86
N ILE F 47 24.26 5.92 8.11
CA ILE F 47 23.31 5.23 8.99
C ILE F 47 22.51 4.18 8.21
N ASP F 48 22.19 4.47 6.95
CA ASP F 48 21.48 3.52 6.10
C ASP F 48 22.35 2.32 5.81
N THR F 49 22.31 1.31 6.68
CA THR F 49 23.21 0.17 6.57
C THR F 49 22.86 -0.70 5.36
N ASP F 50 21.58 -1.01 5.17
CA ASP F 50 21.21 -1.84 4.03
C ASP F 50 21.17 -1.06 2.73
N GLY F 51 21.30 0.26 2.77
CA GLY F 51 21.35 1.06 1.56
C GLY F 51 20.08 1.06 0.75
N ASP F 52 18.91 1.00 1.41
CA ASP F 52 17.63 0.93 0.72
C ASP F 52 16.99 2.29 0.51
N GLY F 53 17.61 3.36 1.01
CA GLY F 53 17.08 4.70 0.84
C GLY F 53 16.42 5.30 2.07
N PHE F 54 16.23 4.52 3.12
CA PHE F 54 15.59 4.98 4.33
C PHE F 54 16.43 4.58 5.54
N ILE F 55 16.14 5.24 6.67
CA ILE F 55 16.72 4.91 7.95
C ILE F 55 15.60 4.29 8.79
N ASP F 56 15.62 2.98 8.99
CA ASP F 56 14.62 2.38 9.86
C ASP F 56 15.06 2.54 11.31
N PHE F 57 14.20 2.14 12.23
CA PHE F 57 14.47 2.37 13.64
C PHE F 57 15.64 1.53 14.14
N ASN F 58 15.81 0.32 13.61
CA ASN F 58 16.91 -0.53 14.06
C ASN F 58 18.26 0.03 13.63
N GLU F 59 18.32 0.61 12.42
CA GLU F 59 19.55 1.24 11.98
C GLU F 59 19.85 2.51 12.78
N PHE F 60 18.82 3.18 13.27
CA PHE F 60 19.03 4.41 14.04
C PHE F 60 19.58 4.09 15.43
N ILE F 61 18.98 3.12 16.11
CA ILE F 61 19.44 2.78 17.45
C ILE F 61 20.80 2.08 17.40
N SER F 62 21.06 1.32 16.32
CA SER F 62 22.36 0.69 16.16
C SER F 62 23.46 1.73 15.97
N PHE F 63 23.15 2.84 15.31
CA PHE F 63 24.13 3.89 15.07
C PHE F 63 24.36 4.74 16.32
N CYS F 64 23.33 4.91 17.15
CA CYS F 64 23.44 5.79 18.32
C CYS F 64 24.35 5.19 19.38
N ASN F 65 24.04 3.99 19.84
CA ASN F 65 24.86 3.37 20.88
C ASN F 65 26.17 2.80 20.35
N ALA F 66 26.45 2.97 19.06
CA ALA F 66 27.77 2.72 18.52
C ALA F 66 28.61 3.99 18.41
N ASN F 67 27.97 5.16 18.45
CA ASN F 67 28.65 6.45 18.47
C ASN F 67 28.13 7.27 19.65
N PRO F 68 28.50 6.88 20.87
CA PRO F 68 28.04 7.65 22.03
C PRO F 68 28.57 9.07 22.07
N GLY F 69 29.72 9.34 21.43
CA GLY F 69 30.21 10.71 21.37
C GLY F 69 29.35 11.61 20.51
N LEU F 70 28.61 11.03 19.57
CA LEU F 70 27.69 11.83 18.76
C LEU F 70 26.40 12.10 19.50
N MET F 71 25.99 11.20 20.40
CA MET F 71 24.78 11.38 21.18
C MET F 71 25.11 11.83 22.61
#